data_4WB0
#
_entry.id   4WB0
#
_cell.length_a   86.418
_cell.length_b   90.564
_cell.length_c   142.159
_cell.angle_alpha   90.00
_cell.angle_beta   90.00
_cell.angle_gamma   90.00
#
_symmetry.space_group_name_H-M   'P 21 21 21'
#
loop_
_entity.id
_entity.type
_entity.pdbx_description
1 polymer 'Broad specificity aminotransferase'
2 polymer 'Broad specificity aminotransferase'
3 non-polymer 'CACODYLATE ION'
4 water water
#
loop_
_entity_poly.entity_id
_entity_poly.type
_entity_poly.pdbx_seq_one_letter_code
_entity_poly.pdbx_strand_id
1 'polypeptide(L)'
;GHMSTQAAMTTTERWQKIQGRAPDPIFELAKRAAAAKGPKANLVIGAYRDEQGLPYPLRVVRKAEQLLLDMNLNYEYLPI
SGYQPFIDEAVKMTYGDTVELENLVAVQTLSGTGALSLGAKLLTHVFDAEKTPIYLADPTWPNHYSIVKAAGWKDIRTYA
YYDHKTLGLDFEGMKKDILAAPDGSVFLLHQCAHNPTGVDPSQEQWNEIASLMLAKHHQVFFDSAYQGYASGSLDTDAYA
ARLFARRGIEVLLAQSFSKNMGLYSERAGTLSLLLKDKTKRADVKSVMDSLIRAEYT(CSO)PPAHGARLAHLILSNNEL
RKEWEAELSAMAERIRTMRRTVYDELLRLQTPGRWEHVINQIGMFSFLGLSKEQCEYCQNHNIFITLSGRANIAGLTHET
ALMLAQTINDAVRNVNRE
;
A
2 'polypeptide(L)'
;GHMSTQAAMTTTERWQKIQGRAPDPIFELAKRAAAAKGPKANLVIGAYRDEQGLPYPLRVVRKAEQLLLDMNLNYEYLPI
SGYQPFIDEAVKMTYGDTVELENLVAVQTLSGTGALSLGAKLLTHVFDAEKTPIYLADPTWPNHYSIVKAAGWKDIRTYA
YYDHKTLGLDFEGMKKDILAAPDGSVFLLHQCAHNPTGVDPSQEQWNEIASLMLAKHHQVFFDSAYQGYASGSLDTDAYA
ARLFARRGIEVLLAQSFSKNMGLYSERAGTLSLLLKDKTKRADVKSVMDSLIRAEYTCPPAHGARLAHLILSNNELRKEW
EAELSAMAERIRTMRRTVYDELLRLQTPGRWEHVINQIGMFSFLGLSKEQCEYCQNHNIFITLSGRANIAGLTHETALML
AQTINDAVRNVNRE
;
B
#
loop_
_chem_comp.id
_chem_comp.type
_chem_comp.name
_chem_comp.formula
CAC non-polymer 'CACODYLATE ION' 'C2 H6 As O2 -1'
#
# COMPACT_ATOMS: atom_id res chain seq x y z
N ALA A 8 -18.96 -16.52 -20.67
CA ALA A 8 -18.05 -17.56 -20.22
C ALA A 8 -17.51 -18.43 -21.37
N MET A 9 -16.98 -17.78 -22.41
CA MET A 9 -16.22 -18.48 -23.46
C MET A 9 -15.15 -17.50 -23.99
N THR A 10 -15.57 -16.40 -24.61
CA THR A 10 -14.66 -15.28 -24.87
C THR A 10 -14.40 -14.45 -23.61
N THR A 11 -13.27 -13.74 -23.55
CA THR A 11 -13.01 -12.94 -22.36
C THR A 11 -14.09 -11.86 -22.17
N THR A 12 -14.61 -11.31 -23.26
CA THR A 12 -15.68 -10.32 -23.15
C THR A 12 -16.88 -10.86 -22.38
N GLU A 13 -17.28 -12.09 -22.72
CA GLU A 13 -18.40 -12.79 -22.06
C GLU A 13 -18.11 -13.02 -20.56
N ARG A 14 -16.86 -13.36 -20.24
CA ARG A 14 -16.42 -13.59 -18.86
C ARG A 14 -16.52 -12.33 -18.03
N TRP A 15 -16.03 -11.22 -18.58
CA TRP A 15 -16.09 -9.95 -17.86
C TRP A 15 -17.53 -9.48 -17.70
N GLN A 16 -18.35 -9.75 -18.71
CA GLN A 16 -19.74 -9.35 -18.64
C GLN A 16 -20.46 -9.85 -17.38
N LYS A 17 -20.00 -10.97 -16.84
CA LYS A 17 -20.62 -11.57 -15.67
C LYS A 17 -20.07 -11.11 -14.31
N ILE A 18 -19.15 -10.16 -14.30
CA ILE A 18 -18.58 -9.70 -13.03
C ILE A 18 -19.66 -9.00 -12.23
N GLN A 19 -19.71 -9.34 -10.94
CA GLN A 19 -20.70 -8.79 -10.02
C GLN A 19 -20.18 -7.51 -9.40
N GLY A 20 -20.92 -6.43 -9.57
CA GLY A 20 -20.53 -5.15 -8.98
C GLY A 20 -20.66 -5.21 -7.47
N ARG A 21 -20.07 -4.23 -6.79
CA ARG A 21 -20.11 -4.12 -5.35
C ARG A 21 -20.64 -2.74 -4.99
N ALA A 22 -21.37 -2.64 -3.88
CA ALA A 22 -21.89 -1.36 -3.39
C ALA A 22 -20.77 -0.44 -3.03
N PRO A 23 -21.00 0.88 -3.15
CA PRO A 23 -19.93 1.83 -2.85
C PRO A 23 -19.85 2.18 -1.36
N ASP A 24 -18.69 2.66 -0.91
CA ASP A 24 -18.45 2.97 0.48
C ASP A 24 -19.35 4.14 0.91
N PRO A 25 -20.29 3.91 1.85
CA PRO A 25 -21.26 4.96 2.20
C PRO A 25 -20.63 6.24 2.70
N ILE A 26 -19.65 6.11 3.59
CA ILE A 26 -18.99 7.29 4.11
C ILE A 26 -18.37 8.08 2.94
N PHE A 27 -17.44 7.47 2.21
CA PHE A 27 -16.72 8.17 1.14
C PHE A 27 -17.68 8.71 0.09
N GLU A 28 -18.83 8.08 -0.06
CA GLU A 28 -19.83 8.58 -0.99
CA GLU A 28 -19.85 8.58 -0.98
C GLU A 28 -20.49 9.85 -0.44
N LEU A 29 -20.98 9.77 0.80
CA LEU A 29 -21.67 10.87 1.48
C LEU A 29 -20.78 12.10 1.46
N ALA A 30 -19.49 11.92 1.72
CA ALA A 30 -18.49 13.01 1.68
C ALA A 30 -18.43 13.68 0.32
N LYS A 31 -18.75 12.90 -0.71
CA LYS A 31 -18.70 13.37 -2.09
C LYS A 31 -19.95 14.19 -2.37
N ARG A 32 -21.07 13.70 -1.86
CA ARG A 32 -22.32 14.42 -1.93
C ARG A 32 -22.27 15.75 -1.17
N ALA A 33 -21.73 15.68 0.04
CA ALA A 33 -21.55 16.85 0.86
C ALA A 33 -20.68 17.87 0.13
N ALA A 34 -19.56 17.41 -0.40
CA ALA A 34 -18.60 18.29 -1.06
C ALA A 34 -19.20 18.96 -2.29
N ALA A 35 -20.25 18.35 -2.84
CA ALA A 35 -20.87 18.87 -4.05
C ALA A 35 -22.04 19.77 -3.69
N ALA A 36 -22.47 19.67 -2.43
CA ALA A 36 -23.68 20.33 -1.97
C ALA A 36 -23.56 21.82 -2.12
N LYS A 37 -24.73 22.43 -2.18
CA LYS A 37 -24.95 23.76 -2.72
C LYS A 37 -24.57 24.85 -1.72
N GLY A 38 -25.56 25.63 -1.25
CA GLY A 38 -25.32 26.86 -0.50
C GLY A 38 -24.52 26.69 0.79
N PRO A 39 -24.95 27.37 1.88
CA PRO A 39 -24.23 27.19 3.17
C PRO A 39 -24.34 25.74 3.66
N LYS A 40 -23.26 25.16 4.12
CA LYS A 40 -23.32 23.75 4.49
C LYS A 40 -22.27 23.40 5.50
N ALA A 41 -22.41 22.21 6.08
CA ALA A 41 -21.45 21.66 7.00
C ALA A 41 -21.11 20.25 6.50
N ASN A 42 -19.90 20.08 6.00
CA ASN A 42 -19.44 18.78 5.54
C ASN A 42 -18.73 18.12 6.70
N LEU A 43 -19.50 17.29 7.43
CA LEU A 43 -19.00 16.74 8.67
C LEU A 43 -18.87 15.20 8.55
N VAL A 44 -18.63 14.71 7.34
CA VAL A 44 -18.68 13.25 7.10
C VAL A 44 -17.41 12.55 7.54
N ILE A 45 -16.30 12.83 6.85
CA ILE A 45 -15.01 12.22 7.13
C ILE A 45 -14.29 12.89 8.27
N GLY A 46 -13.57 12.10 9.03
CA GLY A 46 -12.77 12.58 10.14
C GLY A 46 -11.49 13.22 9.64
N ALA A 47 -11.60 14.40 9.05
CA ALA A 47 -10.41 15.15 8.65
C ALA A 47 -10.48 16.53 9.30
N TYR A 48 -9.39 16.94 9.94
CA TYR A 48 -9.33 18.23 10.63
C TYR A 48 -9.51 19.42 9.70
N ARG A 49 -10.24 20.43 10.16
CA ARG A 49 -10.37 21.69 9.42
C ARG A 49 -10.05 22.81 10.42
N ASP A 50 -9.47 23.89 9.91
CA ASP A 50 -9.17 25.07 10.75
C ASP A 50 -10.38 25.97 11.01
N GLU A 51 -10.12 27.09 11.66
CA GLU A 51 -11.12 28.14 11.97
C GLU A 51 -11.96 28.57 10.78
N GLN A 52 -11.38 28.49 9.60
CA GLN A 52 -12.08 28.94 8.39
C GLN A 52 -12.78 27.75 7.75
N GLY A 53 -12.66 26.59 8.39
CA GLY A 53 -13.21 25.36 7.85
C GLY A 53 -12.42 24.82 6.66
N LEU A 54 -11.15 25.22 6.51
CA LEU A 54 -10.36 24.78 5.36
C LEU A 54 -9.32 23.69 5.77
N PRO A 55 -8.88 22.87 4.81
CA PRO A 55 -7.83 21.88 5.09
C PRO A 55 -6.61 22.55 5.72
N TYR A 56 -5.93 21.83 6.63
CA TYR A 56 -4.93 22.47 7.48
C TYR A 56 -3.61 21.69 7.44
N PRO A 57 -2.81 21.86 6.37
CA PRO A 57 -1.47 21.27 6.36
C PRO A 57 -0.70 21.89 7.55
N LEU A 58 -0.10 21.07 8.41
CA LEU A 58 0.51 21.58 9.61
C LEU A 58 1.78 22.39 9.29
N ARG A 59 2.00 23.41 10.10
CA ARG A 59 3.16 24.24 9.93
C ARG A 59 4.40 23.43 10.10
N VAL A 60 4.41 22.46 11.00
CA VAL A 60 5.65 21.67 11.15
C VAL A 60 5.85 20.73 9.96
N VAL A 61 4.76 20.33 9.32
CA VAL A 61 4.92 19.49 8.15
C VAL A 61 5.49 20.36 6.99
N ARG A 62 5.04 21.59 6.86
CA ARG A 62 5.65 22.51 5.88
C ARG A 62 7.14 22.70 6.15
N LYS A 63 7.53 22.77 7.41
CA LYS A 63 8.96 22.86 7.73
C LYS A 63 9.71 21.60 7.31
N ALA A 64 9.13 20.43 7.60
CA ALA A 64 9.75 19.15 7.29
C ALA A 64 9.88 18.95 5.79
N GLU A 65 8.90 19.43 4.99
CA GLU A 65 8.96 19.37 3.53
C GLU A 65 10.27 19.95 3.02
N GLN A 66 10.56 21.14 3.50
CA GLN A 66 11.77 21.86 3.04
C GLN A 66 13.03 21.22 3.57
N LEU A 67 13.06 20.82 4.84
CA LEU A 67 14.22 20.06 5.37
C LEU A 67 14.51 18.83 4.55
N LEU A 68 13.48 18.10 4.21
CA LEU A 68 13.67 16.84 3.58
C LEU A 68 14.19 17.09 2.16
N LEU A 69 13.66 18.12 1.51
CA LEU A 69 14.03 18.38 0.12
C LEU A 69 15.52 18.74 0.07
N ASP A 70 15.97 19.59 1.00
CA ASP A 70 17.37 20.03 1.09
C ASP A 70 18.37 18.88 1.40
N MET A 71 17.92 17.85 2.09
CA MET A 71 18.78 16.71 2.36
C MET A 71 19.15 15.83 1.17
N ASN A 72 18.35 15.84 0.09
CA ASN A 72 18.60 14.99 -1.07
C ASN A 72 18.81 13.52 -0.69
N LEU A 73 17.89 12.95 0.06
CA LEU A 73 17.85 11.54 0.18
C LEU A 73 17.52 10.99 -1.22
N ASN A 74 17.81 9.72 -1.43
CA ASN A 74 17.62 9.10 -2.72
C ASN A 74 16.22 8.46 -2.74
N TYR A 75 15.90 7.76 -3.83
CA TYR A 75 14.57 7.10 -3.96
C TYR A 75 14.67 5.61 -4.04
N GLU A 76 15.73 5.07 -3.47
CA GLU A 76 15.99 3.65 -3.59
C GLU A 76 14.93 2.92 -2.74
N TYR A 77 14.60 1.71 -3.14
CA TYR A 77 13.68 0.91 -2.34
C TYR A 77 14.02 0.92 -0.85
N LEU A 78 13.02 1.23 0.00
CA LEU A 78 13.09 0.84 1.38
C LEU A 78 13.15 -0.69 1.57
N PRO A 79 13.62 -1.11 2.75
CA PRO A 79 13.41 -2.52 3.10
C PRO A 79 11.92 -2.86 3.09
N ILE A 80 11.59 -4.14 3.03
CA ILE A 80 10.18 -4.57 3.08
C ILE A 80 9.51 -3.93 4.26
N SER A 81 10.21 -3.91 5.39
CA SER A 81 9.65 -3.44 6.65
CA SER A 81 9.64 -3.44 6.63
C SER A 81 9.48 -1.94 6.69
N GLY A 82 10.16 -1.24 5.79
CA GLY A 82 10.06 0.19 5.69
C GLY A 82 11.21 1.01 6.32
N TYR A 83 10.94 2.27 6.56
CA TYR A 83 12.00 3.24 6.95
C TYR A 83 12.28 3.21 8.44
N GLN A 84 13.38 2.59 8.83
CA GLN A 84 13.58 2.27 10.22
C GLN A 84 13.61 3.49 11.13
N PRO A 85 14.19 4.63 10.67
CA PRO A 85 14.21 5.78 11.61
C PRO A 85 12.77 6.16 12.06
N PHE A 86 11.82 6.09 11.13
CA PHE A 86 10.43 6.44 11.42
C PHE A 86 9.81 5.39 12.32
N ILE A 87 10.02 4.12 12.01
CA ILE A 87 9.40 3.05 12.78
C ILE A 87 9.77 3.15 14.24
N ASP A 88 11.05 3.28 14.53
CA ASP A 88 11.54 3.41 15.90
C ASP A 88 10.94 4.59 16.63
N GLU A 89 10.95 5.78 16.02
CA GLU A 89 10.36 6.93 16.67
C GLU A 89 8.84 6.75 16.89
N ALA A 90 8.16 6.15 15.93
CA ALA A 90 6.73 6.00 16.01
C ALA A 90 6.31 5.07 17.14
N VAL A 91 7.06 3.99 17.33
CA VAL A 91 6.76 3.05 18.39
C VAL A 91 7.07 3.70 19.75
N LYS A 92 8.13 4.49 19.75
CA LYS A 92 8.49 5.21 20.96
C LYS A 92 7.42 6.24 21.35
N MET A 93 6.78 6.85 20.37
CA MET A 93 5.72 7.84 20.66
C MET A 93 4.53 7.19 21.40
N THR A 94 4.19 5.97 21.03
CA THR A 94 3.03 5.33 21.71
C THR A 94 3.49 4.65 22.99
N TYR A 95 4.59 3.90 23.00
CA TYR A 95 4.99 3.19 24.25
C TYR A 95 5.85 3.93 25.22
N GLY A 96 6.35 5.10 24.83
CA GLY A 96 7.17 5.86 25.77
C GLY A 96 8.64 5.68 25.46
N ASP A 97 9.46 6.63 25.89
CA ASP A 97 10.90 6.52 25.70
C ASP A 97 11.47 5.35 26.51
N THR A 98 10.63 4.75 27.36
CA THR A 98 11.03 3.60 28.17
C THR A 98 11.17 2.33 27.30
N VAL A 99 10.29 2.20 26.31
CA VAL A 99 10.09 0.95 25.56
C VAL A 99 11.37 0.31 25.04
N GLU A 100 11.42 -1.02 25.12
CA GLU A 100 12.59 -1.73 24.59
C GLU A 100 12.33 -2.18 23.17
N LEU A 101 12.86 -1.41 22.22
CA LEU A 101 12.64 -1.70 20.81
C LEU A 101 13.05 -3.14 20.47
N GLU A 102 13.98 -3.67 21.27
CA GLU A 102 14.53 -5.00 21.03
C GLU A 102 13.57 -6.11 21.40
N ASN A 103 12.56 -5.80 22.19
CA ASN A 103 11.59 -6.80 22.62
C ASN A 103 10.31 -6.64 21.87
N LEU A 104 10.33 -5.90 20.76
CA LEU A 104 9.13 -5.93 19.94
C LEU A 104 9.47 -6.07 18.45
N VAL A 105 8.43 -6.37 17.68
CA VAL A 105 8.58 -6.41 16.23
CA VAL A 105 8.51 -6.48 16.22
C VAL A 105 7.69 -5.34 15.63
N ALA A 106 8.23 -4.57 14.71
CA ALA A 106 7.43 -3.47 14.18
C ALA A 106 7.80 -3.18 12.74
N VAL A 107 6.80 -2.82 11.94
CA VAL A 107 6.99 -2.52 10.51
C VAL A 107 6.22 -1.28 10.19
N GLN A 108 6.65 -0.63 9.13
CA GLN A 108 5.90 0.49 8.58
C GLN A 108 4.75 -0.10 7.76
N THR A 109 3.62 0.57 7.76
CA THR A 109 2.44 0.14 7.01
C THR A 109 1.84 1.31 6.26
N LEU A 110 0.84 1.02 5.42
CA LEU A 110 0.05 2.00 4.71
C LEU A 110 -0.98 2.60 5.65
N SER A 111 -0.47 3.41 6.57
CA SER A 111 -1.27 4.07 7.57
C SER A 111 -1.98 3.05 8.43
N GLY A 112 -3.00 3.49 9.16
CA GLY A 112 -3.74 2.60 10.02
C GLY A 112 -4.50 1.50 9.32
N THR A 113 -5.19 1.78 8.22
CA THR A 113 -5.89 0.77 7.44
C THR A 113 -4.94 -0.36 7.07
N GLY A 114 -3.79 0.02 6.54
CA GLY A 114 -2.75 -0.94 6.21
C GLY A 114 -2.28 -1.78 7.39
N ALA A 115 -2.08 -1.14 8.54
CA ALA A 115 -1.66 -1.89 9.73
C ALA A 115 -2.80 -2.81 10.21
N LEU A 116 -4.05 -2.37 10.10
CA LEU A 116 -5.21 -3.25 10.46
C LEU A 116 -5.33 -4.46 9.55
N SER A 117 -5.24 -4.25 8.24
CA SER A 117 -5.26 -5.37 7.30
CA SER A 117 -5.31 -5.38 7.33
C SER A 117 -4.10 -6.31 7.52
N LEU A 118 -2.90 -5.77 7.59
CA LEU A 118 -1.71 -6.58 7.81
C LEU A 118 -1.78 -7.35 9.13
N GLY A 119 -2.20 -6.66 10.19
CA GLY A 119 -2.31 -7.33 11.50
C GLY A 119 -3.37 -8.42 11.52
N ALA A 120 -4.53 -8.14 10.90
CA ALA A 120 -5.59 -9.17 10.82
C ALA A 120 -5.11 -10.40 10.02
N LYS A 121 -4.33 -10.19 8.94
CA LYS A 121 -3.82 -11.34 8.23
C LYS A 121 -2.80 -12.13 9.05
N LEU A 122 -1.90 -11.39 9.72
CA LEU A 122 -0.86 -11.98 10.53
C LEU A 122 -1.49 -12.91 11.56
N LEU A 123 -2.57 -12.45 12.15
CA LEU A 123 -3.20 -13.15 13.26
C LEU A 123 -3.77 -14.48 12.77
N THR A 124 -4.08 -14.59 11.49
CA THR A 124 -4.59 -15.86 10.99
C THR A 124 -3.49 -16.91 10.95
N HIS A 125 -2.24 -16.52 11.15
CA HIS A 125 -1.15 -17.51 11.20
C HIS A 125 -0.91 -18.00 12.61
N VAL A 126 -1.61 -17.41 13.59
CA VAL A 126 -1.41 -17.75 15.00
C VAL A 126 -2.70 -18.32 15.57
N PHE A 127 -3.83 -17.86 15.04
CA PHE A 127 -5.17 -18.29 15.46
C PHE A 127 -5.89 -18.90 14.31
N ASP A 128 -6.84 -19.79 14.59
CA ASP A 128 -7.63 -20.42 13.55
C ASP A 128 -8.80 -19.49 13.17
N ALA A 129 -8.59 -18.76 12.11
CA ALA A 129 -9.52 -17.72 11.70
C ALA A 129 -10.85 -18.30 11.17
N GLU A 130 -10.91 -19.63 11.01
CA GLU A 130 -12.15 -20.26 10.63
C GLU A 130 -13.04 -20.50 11.81
N LYS A 131 -12.48 -20.42 13.03
CA LYS A 131 -13.18 -20.83 14.24
C LYS A 131 -13.08 -19.85 15.41
N THR A 132 -11.89 -19.28 15.59
CA THR A 132 -11.68 -18.28 16.63
C THR A 132 -12.45 -17.00 16.30
N PRO A 133 -13.33 -16.56 17.20
CA PRO A 133 -13.97 -15.27 16.93
C PRO A 133 -13.07 -14.05 17.11
N ILE A 134 -13.39 -13.02 16.33
CA ILE A 134 -12.83 -11.69 16.51
C ILE A 134 -13.99 -10.71 16.86
N TYR A 135 -13.82 -10.02 17.99
CA TYR A 135 -14.78 -9.13 18.56
C TYR A 135 -14.48 -7.70 18.29
N LEU A 136 -15.49 -6.98 17.80
CA LEU A 136 -15.42 -5.56 17.49
C LEU A 136 -16.38 -4.80 18.40
N ALA A 137 -16.09 -3.54 18.65
CA ALA A 137 -16.99 -2.79 19.50
C ALA A 137 -18.33 -2.58 18.87
N ASP A 138 -19.32 -2.49 19.73
CA ASP A 138 -20.67 -2.10 19.38
C ASP A 138 -20.99 -0.69 19.86
N PRO A 139 -21.01 0.32 18.94
CA PRO A 139 -20.68 0.37 17.49
C PRO A 139 -19.20 0.56 17.16
N THR A 140 -18.77 0.47 15.89
CA THR A 140 -17.34 0.76 15.54
C THR A 140 -17.23 1.20 14.05
N TRP A 141 -16.14 1.88 13.70
CA TRP A 141 -15.81 2.12 12.29
C TRP A 141 -16.37 0.97 11.40
N PRO A 142 -17.34 1.27 10.52
CA PRO A 142 -17.87 0.14 9.73
C PRO A 142 -16.77 -0.53 8.81
N ASN A 143 -15.64 0.15 8.60
CA ASN A 143 -14.58 -0.40 7.75
C ASN A 143 -13.83 -1.44 8.50
N HIS A 144 -13.82 -1.37 9.84
CA HIS A 144 -13.24 -2.42 10.61
C HIS A 144 -13.78 -3.80 10.25
N TYR A 145 -15.11 -3.92 10.22
CA TYR A 145 -15.73 -5.20 9.86
C TYR A 145 -15.22 -5.68 8.47
N SER A 146 -15.13 -4.75 7.51
CA SER A 146 -14.70 -5.07 6.14
CA SER A 146 -14.73 -5.07 6.15
C SER A 146 -13.28 -5.54 6.02
N ILE A 147 -12.39 -4.88 6.72
CA ILE A 147 -11.00 -5.21 6.72
C ILE A 147 -10.77 -6.59 7.26
N VAL A 148 -11.39 -6.85 8.41
CA VAL A 148 -11.22 -8.10 9.12
C VAL A 148 -11.79 -9.24 8.30
N LYS A 149 -12.95 -9.02 7.71
CA LYS A 149 -13.58 -10.04 6.88
C LYS A 149 -12.67 -10.36 5.68
N ALA A 150 -12.20 -9.34 4.98
CA ALA A 150 -11.30 -9.54 3.83
C ALA A 150 -10.03 -10.31 4.20
N ALA A 151 -9.56 -10.15 5.44
CA ALA A 151 -8.34 -10.83 5.87
C ALA A 151 -8.55 -12.30 6.19
N GLY A 152 -9.80 -12.73 6.18
CA GLY A 152 -10.15 -14.12 6.28
C GLY A 152 -10.87 -14.51 7.59
N TRP A 153 -11.34 -13.54 8.36
CA TRP A 153 -12.02 -13.85 9.65
C TRP A 153 -13.46 -14.21 9.40
N LYS A 154 -13.83 -15.42 9.80
CA LYS A 154 -15.13 -15.92 9.43
C LYS A 154 -16.17 -15.83 10.54
N ASP A 155 -15.78 -15.53 11.77
CA ASP A 155 -16.75 -15.43 12.89
C ASP A 155 -16.48 -14.11 13.57
N ILE A 156 -17.13 -13.06 13.06
CA ILE A 156 -16.95 -11.69 13.57
C ILE A 156 -18.10 -11.34 14.50
N ARG A 157 -17.78 -10.91 15.71
CA ARG A 157 -18.79 -10.70 16.72
C ARG A 157 -18.66 -9.31 17.30
N THR A 158 -19.54 -8.96 18.24
CA THR A 158 -19.47 -7.63 18.88
C THR A 158 -19.40 -7.75 20.39
N TYR A 159 -18.64 -6.85 21.04
CA TYR A 159 -18.75 -6.65 22.47
C TYR A 159 -19.53 -5.36 22.71
N ALA A 160 -20.43 -5.41 23.68
CA ALA A 160 -21.14 -4.23 24.10
C ALA A 160 -20.12 -3.16 24.49
N TYR A 161 -20.43 -1.92 24.17
CA TYR A 161 -19.50 -0.86 24.50
C TYR A 161 -20.28 0.40 24.82
N TYR A 162 -21.08 0.84 23.88
CA TYR A 162 -21.89 2.04 24.09
C TYR A 162 -23.31 1.71 24.48
N ASP A 163 -23.79 2.48 25.46
CA ASP A 163 -25.15 2.40 25.95
C ASP A 163 -25.98 3.52 25.31
N HIS A 164 -26.81 3.12 24.36
CA HIS A 164 -27.59 4.07 23.58
C HIS A 164 -28.68 4.83 24.36
N LYS A 165 -28.99 4.36 25.58
CA LYS A 165 -29.99 5.03 26.41
C LYS A 165 -29.31 6.09 27.27
N THR A 166 -28.21 5.73 27.91
CA THR A 166 -27.53 6.68 28.79
C THR A 166 -26.57 7.58 28.00
N LEU A 167 -26.31 7.22 26.75
CA LEU A 167 -25.35 7.96 25.94
C LEU A 167 -24.04 8.02 26.70
N GLY A 168 -23.61 6.84 27.15
CA GLY A 168 -22.34 6.67 27.81
C GLY A 168 -21.77 5.27 27.61
N LEU A 169 -20.67 5.01 28.29
CA LEU A 169 -20.07 3.69 28.30
C LEU A 169 -20.93 2.63 28.98
N ASP A 170 -21.06 1.48 28.32
CA ASP A 170 -21.67 0.33 28.96
C ASP A 170 -20.57 -0.63 29.42
N PHE A 171 -19.91 -0.30 30.52
CA PHE A 171 -18.75 -1.05 30.97
C PHE A 171 -19.11 -2.42 31.48
N GLU A 172 -20.21 -2.53 32.20
CA GLU A 172 -20.67 -3.82 32.69
C GLU A 172 -20.98 -4.79 31.54
N GLY A 173 -21.62 -4.29 30.49
CA GLY A 173 -21.86 -5.11 29.31
C GLY A 173 -20.56 -5.53 28.64
N MET A 174 -19.60 -4.61 28.50
CA MET A 174 -18.32 -4.96 27.91
C MET A 174 -17.62 -6.09 28.69
N LYS A 175 -17.52 -5.97 30.01
CA LYS A 175 -16.90 -7.00 30.84
C LYS A 175 -17.58 -8.36 30.66
N LYS A 176 -18.91 -8.38 30.68
CA LYS A 176 -19.67 -9.61 30.49
C LYS A 176 -19.32 -10.29 29.17
N ASP A 177 -19.11 -9.48 28.16
CA ASP A 177 -18.93 -10.05 26.82
C ASP A 177 -17.51 -10.58 26.67
N ILE A 178 -16.55 -9.90 27.28
CA ILE A 178 -15.18 -10.37 27.38
C ILE A 178 -15.11 -11.70 28.10
N LEU A 179 -15.86 -11.84 29.22
CA LEU A 179 -15.86 -13.05 30.02
C LEU A 179 -16.63 -14.14 29.34
N ALA A 180 -17.65 -13.78 28.58
CA ALA A 180 -18.51 -14.80 27.95
C ALA A 180 -17.89 -15.36 26.68
N ALA A 181 -16.90 -14.65 26.11
CA ALA A 181 -16.24 -15.11 24.90
C ALA A 181 -15.43 -16.36 25.25
N PRO A 182 -15.24 -17.26 24.27
CA PRO A 182 -14.32 -18.40 24.47
C PRO A 182 -12.90 -17.91 24.72
N ASP A 183 -12.16 -18.65 25.53
CA ASP A 183 -10.77 -18.26 25.80
C ASP A 183 -10.02 -18.13 24.51
N GLY A 184 -9.13 -17.15 24.41
CA GLY A 184 -8.21 -17.14 23.32
C GLY A 184 -8.83 -16.57 22.05
N SER A 185 -9.79 -15.67 22.25
CA SER A 185 -10.37 -14.90 21.19
C SER A 185 -9.55 -13.62 20.94
N VAL A 186 -9.87 -12.94 19.84
CA VAL A 186 -9.21 -11.66 19.47
C VAL A 186 -10.18 -10.52 19.71
N PHE A 187 -9.72 -9.46 20.37
CA PHE A 187 -10.50 -8.28 20.65
C PHE A 187 -9.77 -7.09 20.02
N LEU A 188 -10.48 -6.42 19.13
CA LEU A 188 -10.05 -5.16 18.52
C LEU A 188 -10.58 -4.00 19.32
N LEU A 189 -9.68 -3.38 20.06
CA LEU A 189 -9.97 -2.28 20.94
C LEU A 189 -9.44 -0.94 20.42
N HIS A 190 -10.19 0.11 20.70
CA HIS A 190 -9.77 1.47 20.35
C HIS A 190 -8.88 2.02 21.45
N GLN A 191 -7.67 2.39 21.10
CA GLN A 191 -6.66 2.75 22.12
C GLN A 191 -7.01 4.03 22.86
N CYS A 192 -7.54 5.01 22.14
CA CYS A 192 -8.20 6.20 22.75
C CYS A 192 -9.13 6.82 21.70
N ALA A 193 -10.01 7.72 22.11
CA ALA A 193 -10.96 8.38 21.16
C ALA A 193 -11.71 7.32 20.35
N HIS A 194 -12.47 6.47 21.06
CA HIS A 194 -13.31 5.51 20.39
C HIS A 194 -14.13 6.13 19.27
N ASN A 195 -14.03 5.51 18.10
CA ASN A 195 -14.79 5.87 16.91
C ASN A 195 -15.95 4.87 16.68
N PRO A 196 -17.23 5.31 16.71
CA PRO A 196 -17.73 6.68 16.58
C PRO A 196 -18.18 7.39 17.86
N THR A 197 -18.14 6.75 19.02
CA THR A 197 -18.88 7.26 20.19
C THR A 197 -18.13 8.39 20.94
N GLY A 198 -16.81 8.39 20.89
CA GLY A 198 -16.01 9.38 21.62
C GLY A 198 -16.00 9.19 23.13
N VAL A 199 -16.30 7.97 23.58
CA VAL A 199 -16.29 7.66 25.02
C VAL A 199 -15.27 6.53 25.22
N ASP A 200 -14.32 6.74 26.15
CA ASP A 200 -13.25 5.79 26.46
C ASP A 200 -13.39 5.27 27.90
N PRO A 201 -12.85 4.08 28.17
CA PRO A 201 -12.79 3.65 29.57
C PRO A 201 -11.99 4.61 30.45
N SER A 202 -12.30 4.68 31.75
CA SER A 202 -11.43 5.40 32.68
C SER A 202 -10.09 4.65 32.83
N GLN A 203 -9.13 5.25 33.49
CA GLN A 203 -7.88 4.51 33.81
C GLN A 203 -8.10 3.18 34.55
N GLU A 204 -8.91 3.23 35.60
CA GLU A 204 -9.21 2.05 36.41
C GLU A 204 -9.97 1.01 35.61
N GLN A 205 -10.87 1.45 34.73
CA GLN A 205 -11.61 0.54 33.87
C GLN A 205 -10.66 -0.17 32.87
N TRP A 206 -9.68 0.57 32.32
CA TRP A 206 -8.68 -0.05 31.46
C TRP A 206 -7.91 -1.14 32.21
N ASN A 207 -7.55 -0.90 33.47
CA ASN A 207 -6.84 -1.91 34.21
C ASN A 207 -7.72 -3.16 34.47
N GLU A 208 -9.02 -2.96 34.68
CA GLU A 208 -9.91 -4.11 34.82
C GLU A 208 -10.02 -4.90 33.51
N ILE A 209 -10.09 -4.19 32.39
CA ILE A 209 -10.12 -4.86 31.10
C ILE A 209 -8.85 -5.68 30.87
N ALA A 210 -7.69 -5.11 31.21
CA ALA A 210 -6.43 -5.85 31.09
C ALA A 210 -6.44 -7.17 31.87
N SER A 211 -6.89 -7.10 33.13
CA SER A 211 -6.96 -8.31 33.97
C SER A 211 -7.88 -9.36 33.37
N LEU A 212 -8.98 -8.95 32.73
CA LEU A 212 -9.88 -9.90 32.08
C LEU A 212 -9.26 -10.49 30.83
N MET A 213 -8.56 -9.66 30.06
CA MET A 213 -7.91 -10.15 28.87
C MET A 213 -6.86 -11.21 29.29
N LEU A 214 -6.13 -10.92 30.36
CA LEU A 214 -5.15 -11.88 30.85
C LEU A 214 -5.79 -13.20 31.28
N ALA A 215 -6.83 -13.09 32.09
CA ALA A 215 -7.46 -14.30 32.62
C ALA A 215 -8.14 -15.18 31.56
N LYS A 216 -8.56 -14.59 30.44
CA LYS A 216 -9.20 -15.35 29.38
C LYS A 216 -8.25 -15.74 28.23
N HIS A 217 -6.98 -15.35 28.35
CA HIS A 217 -5.96 -15.61 27.33
C HIS A 217 -6.35 -15.02 25.99
N HIS A 218 -7.04 -13.87 26.01
CA HIS A 218 -7.42 -13.20 24.77
C HIS A 218 -6.23 -12.48 24.12
N GLN A 219 -6.32 -12.33 22.80
CA GLN A 219 -5.38 -11.51 22.06
C GLN A 219 -5.93 -10.11 21.90
N VAL A 220 -5.15 -9.12 22.34
CA VAL A 220 -5.54 -7.75 22.21
C VAL A 220 -4.92 -7.16 20.90
N PHE A 221 -5.78 -6.54 20.12
CA PHE A 221 -5.39 -5.76 18.95
C PHE A 221 -5.89 -4.33 19.15
N PHE A 222 -4.98 -3.41 19.43
CA PHE A 222 -5.30 -1.98 19.50
C PHE A 222 -5.28 -1.28 18.15
N ASP A 223 -6.30 -0.46 17.92
CA ASP A 223 -6.36 0.48 16.80
C ASP A 223 -6.04 1.84 17.40
N SER A 224 -4.94 2.43 16.97
CA SER A 224 -4.50 3.74 17.51
C SER A 224 -4.43 4.80 16.38
N ALA A 225 -5.58 5.39 16.00
CA ALA A 225 -5.63 6.29 14.89
C ALA A 225 -5.69 7.75 15.34
N TYR A 226 -5.95 7.99 16.64
CA TYR A 226 -6.29 9.37 17.10
C TYR A 226 -5.46 9.83 18.30
N GLN A 227 -4.28 9.26 18.47
CA GLN A 227 -3.48 9.55 19.64
C GLN A 227 -3.22 11.06 19.66
N GLY A 228 -3.58 11.73 20.76
CA GLY A 228 -3.46 13.18 20.86
C GLY A 228 -4.82 13.88 20.89
N TYR A 229 -5.89 13.23 20.38
CA TYR A 229 -7.15 13.92 20.17
C TYR A 229 -8.12 13.74 21.34
N ALA A 230 -7.90 12.72 22.13
CA ALA A 230 -8.71 12.50 23.31
C ALA A 230 -8.46 13.59 24.38
N SER A 231 -7.20 14.04 24.57
CA SER A 231 -6.87 15.00 25.62
C SER A 231 -6.07 16.21 25.14
N GLY A 232 -5.57 16.15 23.91
CA GLY A 232 -4.64 17.13 23.39
C GLY A 232 -3.15 16.79 23.67
N SER A 233 -2.96 15.77 24.48
CA SER A 233 -1.63 15.28 24.94
C SER A 233 -1.32 13.87 24.48
N LEU A 234 -0.25 13.70 23.72
CA LEU A 234 0.13 12.38 23.20
C LEU A 234 0.42 11.38 24.34
N ASP A 235 1.16 11.84 25.37
CA ASP A 235 1.49 10.95 26.47
C ASP A 235 0.26 10.52 27.25
N THR A 236 -0.60 11.47 27.61
CA THR A 236 -1.88 11.14 28.23
C THR A 236 -2.69 10.12 27.44
N ASP A 237 -2.77 10.31 26.12
CA ASP A 237 -3.64 9.47 25.32
C ASP A 237 -3.06 8.03 25.09
N ALA A 238 -1.79 7.84 25.39
CA ALA A 238 -1.15 6.53 25.28
C ALA A 238 -1.37 5.65 26.53
N TYR A 239 -2.16 6.11 27.46
CA TYR A 239 -2.32 5.38 28.72
C TYR A 239 -2.66 3.89 28.58
N ALA A 240 -3.66 3.57 27.78
CA ALA A 240 -4.09 2.15 27.70
C ALA A 240 -3.02 1.26 27.06
N ALA A 241 -2.41 1.68 25.95
CA ALA A 241 -1.31 0.89 25.40
C ALA A 241 -0.19 0.67 26.42
N ARG A 242 0.18 1.70 27.16
CA ARG A 242 1.32 1.60 28.05
C ARG A 242 0.97 0.69 29.25
N LEU A 243 -0.27 0.75 29.66
CA LEU A 243 -0.77 -0.07 30.76
C LEU A 243 -0.71 -1.52 30.37
N PHE A 244 -1.22 -1.81 29.17
CA PHE A 244 -1.33 -3.19 28.73
C PHE A 244 0.05 -3.77 28.53
N ALA A 245 0.97 -2.95 28.06
CA ALA A 245 2.36 -3.37 27.95
C ALA A 245 2.92 -3.69 29.33
N ARG A 246 2.71 -2.77 30.29
CA ARG A 246 3.24 -2.94 31.65
C ARG A 246 2.63 -4.20 32.31
N ARG A 247 1.39 -4.48 31.98
CA ARG A 247 0.70 -5.68 32.55
C ARG A 247 1.15 -7.01 31.87
N GLY A 248 1.95 -6.93 30.81
CA GLY A 248 2.48 -8.14 30.19
C GLY A 248 1.66 -8.71 29.03
N ILE A 249 0.75 -7.91 28.50
CA ILE A 249 -0.11 -8.33 27.39
C ILE A 249 0.71 -8.24 26.09
N GLU A 250 0.59 -9.26 25.26
CA GLU A 250 1.25 -9.28 23.94
C GLU A 250 0.42 -8.49 22.95
N VAL A 251 0.53 -7.17 23.10
CA VAL A 251 -0.27 -6.23 22.39
C VAL A 251 0.15 -6.22 20.91
N LEU A 252 -0.85 -6.33 20.04
CA LEU A 252 -0.69 -6.04 18.61
C LEU A 252 -1.30 -4.65 18.43
N LEU A 253 -0.59 -3.71 17.80
CA LEU A 253 -1.10 -2.32 17.70
C LEU A 253 -0.89 -1.71 16.33
N ALA A 254 -1.98 -1.19 15.81
CA ALA A 254 -2.04 -0.47 14.50
C ALA A 254 -2.09 1.03 14.71
N GLN A 255 -1.13 1.73 14.10
CA GLN A 255 -0.91 3.15 14.35
C GLN A 255 -1.00 3.94 13.06
N SER A 256 -1.63 5.10 13.12
CA SER A 256 -1.80 6.04 12.01
C SER A 256 -1.29 7.46 12.36
N PHE A 257 -0.65 8.09 11.38
CA PHE A 257 -0.28 9.51 11.44
C PHE A 257 -1.16 10.40 10.55
N SER A 258 -2.26 9.86 10.02
CA SER A 258 -3.11 10.66 9.15
C SER A 258 -3.70 11.84 9.85
N LYS A 259 -4.25 11.59 11.05
CA LYS A 259 -5.00 12.62 11.71
C LYS A 259 -4.15 13.54 12.60
N ASN A 260 -3.26 12.97 13.44
CA ASN A 260 -2.50 13.78 14.40
C ASN A 260 -1.35 14.56 13.74
N MET A 261 -0.90 14.12 12.57
CA MET A 261 0.11 14.90 11.82
C MET A 261 -0.46 15.45 10.50
N GLY A 262 -1.71 15.09 10.18
CA GLY A 262 -2.38 15.53 9.00
C GLY A 262 -1.81 14.95 7.72
N LEU A 263 -1.19 13.81 7.82
CA LEU A 263 -0.52 13.22 6.65
C LEU A 263 -1.47 12.25 5.95
N TYR A 264 -2.74 12.62 5.80
CA TYR A 264 -3.75 11.70 5.26
C TYR A 264 -3.31 11.09 3.91
N SER A 265 -2.82 11.92 3.01
CA SER A 265 -2.50 11.49 1.66
C SER A 265 -1.22 10.71 1.56
N GLU A 266 -0.39 10.65 2.62
CA GLU A 266 0.92 10.05 2.45
C GLU A 266 0.97 8.65 3.07
N ARG A 267 -0.06 8.26 3.82
CA ARG A 267 -0.27 6.88 4.25
C ARG A 267 0.86 6.33 5.17
N ALA A 268 1.09 7.02 6.28
CA ALA A 268 2.16 6.69 7.21
C ALA A 268 1.62 6.06 8.49
N GLY A 269 1.98 4.81 8.73
CA GLY A 269 1.60 4.17 10.00
C GLY A 269 2.53 3.06 10.34
N THR A 270 2.22 2.34 11.41
CA THR A 270 3.05 1.17 11.80
C THR A 270 2.14 0.06 12.33
N LEU A 271 2.69 -1.15 12.26
CA LEU A 271 2.13 -2.29 12.96
C LEU A 271 3.21 -2.82 13.92
N SER A 272 2.87 -3.01 15.20
CA SER A 272 3.83 -3.51 16.17
C SER A 272 3.24 -4.63 17.05
N LEU A 273 4.11 -5.52 17.49
CA LEU A 273 3.75 -6.63 18.40
C LEU A 273 4.70 -6.69 19.56
N LEU A 274 4.16 -6.67 20.78
CA LEU A 274 5.01 -6.86 21.96
C LEU A 274 5.20 -8.37 22.18
N LEU A 275 6.33 -8.91 21.83
CA LEU A 275 6.37 -10.37 21.76
C LEU A 275 7.05 -10.74 23.01
N LYS A 276 6.41 -11.61 23.78
CA LYS A 276 6.94 -12.06 25.06
C LYS A 276 8.24 -12.87 24.91
N ASP A 277 8.26 -13.75 23.91
CA ASP A 277 9.43 -14.57 23.64
C ASP A 277 10.36 -13.99 22.56
N LYS A 278 11.44 -13.37 22.98
CA LYS A 278 12.33 -12.68 22.02
C LYS A 278 12.92 -13.59 20.92
N THR A 279 12.96 -14.88 21.15
CA THR A 279 13.54 -15.79 20.15
C THR A 279 12.62 -15.97 18.93
N LYS A 280 11.35 -15.55 19.03
CA LYS A 280 10.33 -15.72 17.99
C LYS A 280 10.16 -14.45 17.17
N ARG A 281 10.92 -13.42 17.49
CA ARG A 281 10.77 -12.15 16.80
C ARG A 281 11.09 -12.30 15.33
N ALA A 282 12.16 -13.04 15.03
CA ALA A 282 12.58 -13.26 13.64
C ALA A 282 11.51 -13.95 12.82
N ASP A 283 10.87 -14.94 13.44
CA ASP A 283 9.86 -15.74 12.73
C ASP A 283 8.63 -14.87 12.45
N VAL A 284 8.20 -14.07 13.42
CA VAL A 284 7.06 -13.18 13.23
C VAL A 284 7.37 -12.11 12.15
N LYS A 285 8.59 -11.55 12.19
CA LYS A 285 9.02 -10.60 11.17
C LYS A 285 9.03 -11.27 9.77
N SER A 286 9.43 -12.53 9.71
CA SER A 286 9.48 -13.18 8.41
C SER A 286 8.05 -13.38 7.82
N VAL A 287 7.03 -13.54 8.68
CA VAL A 287 5.67 -13.68 8.19
C VAL A 287 5.16 -12.33 7.71
N MET A 288 5.33 -11.32 8.54
CA MET A 288 4.95 -9.96 8.15
C MET A 288 5.62 -9.56 6.85
N ASP A 289 6.89 -9.89 6.67
CA ASP A 289 7.59 -9.47 5.48
C ASP A 289 7.03 -10.24 4.23
N SER A 290 6.60 -11.49 4.39
CA SER A 290 6.13 -12.23 3.22
C SER A 290 4.75 -11.70 2.82
N LEU A 291 3.97 -11.32 3.82
CA LEU A 291 2.65 -10.77 3.56
C LEU A 291 2.78 -9.45 2.81
N ILE A 292 3.75 -8.64 3.22
CA ILE A 292 3.94 -7.33 2.56
C ILE A 292 4.49 -7.51 1.16
N ARG A 293 5.42 -8.45 0.99
CA ARG A 293 6.10 -8.67 -0.28
CA ARG A 293 6.10 -8.67 -0.28
C ARG A 293 5.11 -9.07 -1.37
N ALA A 294 4.14 -9.90 -1.01
CA ALA A 294 3.16 -10.32 -1.97
C ALA A 294 2.02 -9.35 -2.25
N GLU A 295 1.97 -8.24 -1.52
CA GLU A 295 0.96 -7.18 -1.77
C GLU A 295 1.51 -5.95 -2.43
N TYR A 296 2.65 -5.39 -1.95
CA TYR A 296 3.10 -4.07 -2.41
C TYR A 296 4.63 -3.90 -2.31
N THR A 297 5.33 -5.00 -1.95
CA THR A 297 6.81 -5.10 -1.99
C THR A 297 7.50 -4.20 -0.98
N CSO A 298 7.17 -2.91 -0.95
CA CSO A 298 7.64 -2.12 0.17
CB CSO A 298 9.15 -1.92 0.10
SG CSO A 298 9.55 -0.92 -1.37
C CSO A 298 6.89 -0.77 0.25
O CSO A 298 6.26 -0.35 -0.72
OD CSO A 298 9.84 0.75 -0.80
HA CSO A 298 7.45 -2.60 1.01
HB2 CSO A 298 9.59 -2.77 0.02
HB3 CSO A 298 9.46 -1.43 0.89
HD CSO A 298 9.05 1.09 -0.36
N PRO A 299 6.92 -0.10 1.42
CA PRO A 299 6.00 1.04 1.59
C PRO A 299 6.55 2.35 1.08
N PRO A 300 5.68 3.36 0.89
CA PRO A 300 6.10 4.66 0.37
C PRO A 300 6.90 5.43 1.39
N ALA A 301 8.03 5.97 0.94
CA ALA A 301 8.99 6.62 1.85
C ALA A 301 8.65 8.04 2.33
N HIS A 302 8.04 8.86 1.47
CA HIS A 302 7.91 10.27 1.75
C HIS A 302 7.21 10.59 3.07
N GLY A 303 6.07 9.96 3.33
CA GLY A 303 5.37 10.23 4.57
C GLY A 303 6.15 9.81 5.84
N ALA A 304 6.81 8.68 5.76
CA ALA A 304 7.59 8.24 6.90
C ALA A 304 8.80 9.13 7.12
N ARG A 305 9.42 9.57 6.04
CA ARG A 305 10.58 10.50 6.16
C ARG A 305 10.16 11.82 6.78
N LEU A 306 9.02 12.37 6.34
CA LEU A 306 8.53 13.59 6.94
C LEU A 306 8.24 13.40 8.45
N ALA A 307 7.52 12.33 8.77
CA ALA A 307 7.18 12.08 10.16
C ALA A 307 8.38 11.79 11.01
N HIS A 308 9.39 11.16 10.43
CA HIS A 308 10.58 10.91 11.25
C HIS A 308 11.24 12.25 11.66
N LEU A 309 11.34 13.19 10.75
CA LEU A 309 11.96 14.46 11.09
C LEU A 309 11.22 15.18 12.21
N ILE A 310 9.90 15.12 12.17
CA ILE A 310 9.08 15.80 13.13
C ILE A 310 9.15 15.09 14.49
N LEU A 311 9.15 13.77 14.51
CA LEU A 311 9.27 13.03 15.77
C LEU A 311 10.62 13.17 16.41
N SER A 312 11.64 13.17 15.56
CA SER A 312 13.01 13.01 16.06
C SER A 312 13.63 14.34 16.48
N ASN A 313 13.37 15.42 15.75
CA ASN A 313 14.02 16.68 16.10
C ASN A 313 13.39 17.35 17.28
N ASN A 314 14.16 17.79 18.26
CA ASN A 314 13.51 18.22 19.48
C ASN A 314 12.66 19.48 19.31
N GLU A 315 13.08 20.39 18.45
CA GLU A 315 12.32 21.61 18.15
C GLU A 315 11.02 21.32 17.38
N LEU A 316 11.13 20.53 16.31
CA LEU A 316 9.95 20.21 15.52
C LEU A 316 8.98 19.41 16.36
N ARG A 317 9.49 18.52 17.21
CA ARG A 317 8.65 17.65 18.02
C ARG A 317 7.84 18.50 19.00
N LYS A 318 8.47 19.49 19.61
CA LYS A 318 7.76 20.32 20.56
C LYS A 318 6.81 21.25 19.82
N GLU A 319 7.21 21.78 18.68
CA GLU A 319 6.28 22.57 17.88
C GLU A 319 5.06 21.72 17.44
N TRP A 320 5.32 20.49 17.06
CA TRP A 320 4.22 19.61 16.65
C TRP A 320 3.25 19.38 17.77
N GLU A 321 3.75 19.02 18.94
CA GLU A 321 2.86 18.80 20.07
C GLU A 321 2.04 20.04 20.41
N ALA A 322 2.60 21.24 20.28
CA ALA A 322 1.83 22.46 20.55
C ALA A 322 0.72 22.67 19.48
N GLU A 323 1.03 22.37 18.22
CA GLU A 323 0.10 22.50 17.13
C GLU A 323 -1.10 21.52 17.30
N LEU A 324 -0.80 20.31 17.74
CA LEU A 324 -1.83 19.28 17.95
C LEU A 324 -2.69 19.65 19.17
N SER A 325 -2.06 20.16 20.22
CA SER A 325 -2.79 20.64 21.36
CA SER A 325 -2.80 20.63 21.38
C SER A 325 -3.77 21.75 20.99
N ALA A 326 -3.34 22.63 20.08
CA ALA A 326 -4.23 23.69 19.63
C ALA A 326 -5.37 23.16 18.79
N MET A 327 -5.10 22.12 17.99
CA MET A 327 -6.12 21.50 17.19
C MET A 327 -7.16 20.88 18.11
N ALA A 328 -6.73 20.12 19.10
CA ALA A 328 -7.65 19.53 20.05
C ALA A 328 -8.48 20.62 20.76
N GLU A 329 -7.85 21.76 21.04
CA GLU A 329 -8.58 22.82 21.71
C GLU A 329 -9.62 23.48 20.79
N ARG A 330 -9.35 23.64 19.49
CA ARG A 330 -10.37 24.23 18.61
C ARG A 330 -11.62 23.30 18.57
N ILE A 331 -11.38 21.99 18.65
CA ILE A 331 -12.48 21.04 18.68
C ILE A 331 -13.33 21.21 19.91
N ARG A 332 -12.73 21.35 21.08
CA ARG A 332 -13.52 21.60 22.28
C ARG A 332 -14.31 22.89 22.18
N THR A 333 -13.71 23.93 21.63
CA THR A 333 -14.45 25.19 21.42
C THR A 333 -15.68 24.94 20.52
N MET A 334 -15.52 24.13 19.48
CA MET A 334 -16.64 23.84 18.61
C MET A 334 -17.71 23.06 19.38
N ARG A 335 -17.31 22.06 20.16
CA ARG A 335 -18.27 21.33 21.00
C ARG A 335 -19.04 22.29 21.90
N ARG A 336 -18.33 23.22 22.51
CA ARG A 336 -18.94 24.17 23.45
CA ARG A 336 -18.96 24.14 23.45
C ARG A 336 -19.92 25.06 22.70
N THR A 337 -19.53 25.48 21.49
CA THR A 337 -20.41 26.33 20.70
C THR A 337 -21.73 25.62 20.35
N VAL A 338 -21.65 24.36 19.88
CA VAL A 338 -22.86 23.59 19.52
C VAL A 338 -23.73 23.37 20.77
N TYR A 339 -23.11 22.94 21.87
CA TYR A 339 -23.83 22.63 23.11
C TYR A 339 -24.58 23.86 23.62
N ASP A 340 -23.88 24.99 23.67
CA ASP A 340 -24.47 26.22 24.18
C ASP A 340 -25.65 26.62 23.36
N GLU A 341 -25.63 26.35 22.05
CA GLU A 341 -26.73 26.77 21.21
C GLU A 341 -27.90 25.80 21.40
N LEU A 342 -27.59 24.53 21.63
CA LEU A 342 -28.65 23.55 21.91
C LEU A 342 -29.43 23.89 23.19
N LEU A 343 -28.72 24.42 24.17
CA LEU A 343 -29.33 24.92 25.40
C LEU A 343 -30.17 26.19 25.18
N ARG A 344 -29.64 27.14 24.43
CA ARG A 344 -30.38 28.38 24.16
C ARG A 344 -31.63 28.10 23.36
N LEU A 345 -31.60 27.13 22.47
CA LEU A 345 -32.83 26.76 21.76
C LEU A 345 -33.74 25.85 22.63
N GLN A 346 -33.26 25.45 23.79
CA GLN A 346 -34.00 24.52 24.64
C GLN A 346 -34.45 23.26 23.88
N THR A 347 -33.55 22.75 23.05
CA THR A 347 -33.83 21.53 22.30
C THR A 347 -34.21 20.42 23.28
N PRO A 348 -35.34 19.71 23.05
CA PRO A 348 -35.68 18.57 23.92
C PRO A 348 -34.59 17.56 24.08
N GLY A 349 -34.43 17.06 25.30
CA GLY A 349 -33.47 16.00 25.58
C GLY A 349 -32.23 16.53 26.27
N ARG A 350 -31.31 15.62 26.60
CA ARG A 350 -29.99 15.98 27.15
C ARG A 350 -28.92 16.00 26.07
N TRP A 351 -28.00 16.96 26.17
CA TRP A 351 -26.99 17.19 25.13
C TRP A 351 -25.56 17.28 25.66
N GLU A 352 -25.39 16.93 26.94
CA GLU A 352 -24.11 17.01 27.59
C GLU A 352 -23.09 16.11 26.93
N HIS A 353 -23.54 15.10 26.19
CA HIS A 353 -22.60 14.20 25.51
C HIS A 353 -21.81 14.91 24.40
N VAL A 354 -22.38 15.98 23.83
CA VAL A 354 -21.69 16.78 22.83
C VAL A 354 -20.37 17.34 23.43
N ILE A 355 -20.39 17.78 24.70
CA ILE A 355 -19.19 18.30 25.34
C ILE A 355 -18.44 17.27 26.17
N ASN A 356 -19.05 16.14 26.50
CA ASN A 356 -18.32 15.12 27.27
C ASN A 356 -17.56 14.13 26.41
N GLN A 357 -18.00 13.97 25.17
CA GLN A 357 -17.31 13.11 24.21
C GLN A 357 -15.95 13.76 23.83
N ILE A 358 -14.98 12.95 23.40
CA ILE A 358 -13.64 13.45 23.06
C ILE A 358 -13.30 12.90 21.69
N GLY A 359 -12.18 13.30 21.12
CA GLY A 359 -11.89 12.95 19.74
C GLY A 359 -12.43 13.96 18.78
N MET A 360 -12.52 13.57 17.51
CA MET A 360 -12.93 14.44 16.45
C MET A 360 -14.42 14.46 16.23
N PHE A 361 -15.11 13.46 16.78
CA PHE A 361 -16.53 13.28 16.46
C PHE A 361 -17.46 13.56 17.66
N SER A 362 -18.74 13.70 17.33
CA SER A 362 -19.78 13.56 18.31
C SER A 362 -20.72 12.57 17.69
N PHE A 363 -21.15 11.66 18.53
CA PHE A 363 -22.16 10.69 18.23
C PHE A 363 -23.45 11.27 18.81
N LEU A 364 -24.28 11.91 17.99
CA LEU A 364 -25.34 12.76 18.47
C LEU A 364 -26.54 12.07 19.09
N GLY A 365 -26.83 10.83 18.70
CA GLY A 365 -27.95 10.12 19.27
C GLY A 365 -29.26 10.37 18.56
N LEU A 366 -29.22 10.93 17.36
CA LEU A 366 -30.42 11.16 16.56
C LEU A 366 -30.82 9.90 15.78
N SER A 367 -32.11 9.80 15.48
CA SER A 367 -32.63 8.70 14.66
C SER A 367 -32.16 8.79 13.22
N LYS A 368 -32.30 7.69 12.48
CA LYS A 368 -31.94 7.65 11.06
C LYS A 368 -32.72 8.72 10.28
N GLU A 369 -33.96 8.95 10.68
CA GLU A 369 -34.82 9.96 10.03
C GLU A 369 -34.41 11.39 10.37
N GLN A 370 -33.99 11.60 11.63
CA GLN A 370 -33.47 12.89 12.05
C GLN A 370 -32.13 13.15 11.37
N CYS A 371 -31.35 12.11 11.15
CA CYS A 371 -30.09 12.26 10.45
C CYS A 371 -30.35 12.57 8.98
N GLU A 372 -31.39 11.95 8.42
CA GLU A 372 -31.76 12.16 7.01
C GLU A 372 -32.26 13.59 6.80
N TYR A 373 -33.06 14.06 7.74
CA TYR A 373 -33.47 15.45 7.81
C TYR A 373 -32.24 16.36 7.71
N CYS A 374 -31.28 16.17 8.62
CA CYS A 374 -30.08 17.01 8.65
C CYS A 374 -29.36 17.09 7.30
N GLN A 375 -29.09 15.92 6.73
CA GLN A 375 -28.44 15.79 5.45
C GLN A 375 -29.22 16.56 4.37
N ASN A 376 -30.52 16.61 4.52
CA ASN A 376 -31.37 17.25 3.52
C ASN A 376 -31.45 18.76 3.73
N HIS A 377 -30.89 19.23 4.84
CA HIS A 377 -30.76 20.67 5.09
C HIS A 377 -29.28 21.07 5.11
N ASN A 378 -28.45 20.25 4.45
CA ASN A 378 -27.04 20.55 4.16
C ASN A 378 -26.18 20.47 5.39
N ILE A 379 -26.65 19.69 6.36
CA ILE A 379 -25.83 19.34 7.50
C ILE A 379 -25.45 17.87 7.31
N PHE A 380 -24.24 17.61 6.84
CA PHE A 380 -23.89 16.27 6.40
C PHE A 380 -23.22 15.49 7.51
N ILE A 381 -24.08 14.85 8.28
CA ILE A 381 -23.66 13.90 9.31
C ILE A 381 -24.05 12.51 8.84
N THR A 382 -23.49 11.49 9.44
CA THR A 382 -23.73 10.14 8.93
C THR A 382 -25.08 9.69 9.39
N LEU A 383 -25.58 8.65 8.76
CA LEU A 383 -26.89 8.14 9.14
C LEU A 383 -26.96 7.56 10.55
N SER A 384 -25.81 7.21 11.09
CA SER A 384 -25.68 6.73 12.47
C SER A 384 -25.56 7.86 13.50
N GLY A 385 -25.61 9.11 13.01
CA GLY A 385 -25.53 10.29 13.87
C GLY A 385 -24.11 10.74 14.19
N ARG A 386 -23.10 10.31 13.40
CA ARG A 386 -21.72 10.69 13.72
C ARG A 386 -21.41 11.99 13.00
N ALA A 387 -20.84 12.95 13.72
CA ALA A 387 -20.55 14.26 13.13
C ALA A 387 -19.06 14.61 13.37
N ASN A 388 -18.34 14.95 12.30
CA ASN A 388 -16.96 15.42 12.48
C ASN A 388 -16.97 16.87 13.01
N ILE A 389 -16.85 16.97 14.34
CA ILE A 389 -16.81 18.26 15.02
C ILE A 389 -15.61 19.05 14.49
N ALA A 390 -14.54 18.35 14.15
CA ALA A 390 -13.35 19.05 13.65
C ALA A 390 -13.60 19.68 12.29
N GLY A 391 -14.74 19.38 11.68
CA GLY A 391 -15.11 20.08 10.45
C GLY A 391 -15.85 21.44 10.60
N LEU A 392 -16.18 21.78 11.82
CA LEU A 392 -17.05 22.91 12.10
C LEU A 392 -16.32 24.23 12.14
N THR A 393 -17.02 25.31 11.80
CA THR A 393 -16.54 26.67 12.08
C THR A 393 -17.51 27.21 13.08
N HIS A 394 -17.28 28.40 13.60
CA HIS A 394 -18.27 29.03 14.49
CA HIS A 394 -18.27 29.00 14.50
C HIS A 394 -19.64 29.15 13.78
N GLU A 395 -19.63 29.63 12.53
CA GLU A 395 -20.87 29.70 11.70
C GLU A 395 -21.61 28.35 11.64
N THR A 396 -20.90 27.26 11.31
CA THR A 396 -21.60 26.01 11.03
C THR A 396 -21.88 25.24 12.32
N ALA A 397 -21.14 25.50 13.40
CA ALA A 397 -21.49 24.92 14.68
C ALA A 397 -22.87 25.43 15.10
N LEU A 398 -23.17 26.68 14.79
CA LEU A 398 -24.47 27.20 15.13
C LEU A 398 -25.53 26.60 14.23
N MET A 399 -25.24 26.48 12.93
CA MET A 399 -26.16 25.80 12.00
C MET A 399 -26.44 24.35 12.42
N LEU A 400 -25.42 23.66 12.88
CA LEU A 400 -25.57 22.26 13.32
C LEU A 400 -26.61 22.19 14.45
N ALA A 401 -26.42 23.01 15.47
CA ALA A 401 -27.35 23.07 16.58
C ALA A 401 -28.77 23.39 16.11
N GLN A 402 -28.90 24.41 15.26
CA GLN A 402 -30.22 24.84 14.76
C GLN A 402 -30.92 23.71 14.01
N THR A 403 -30.15 22.98 13.20
CA THR A 403 -30.72 21.89 12.43
C THR A 403 -31.04 20.71 13.34
N ILE A 404 -30.19 20.40 14.33
CA ILE A 404 -30.53 19.39 15.34
C ILE A 404 -31.84 19.76 16.02
N ASN A 405 -31.92 20.99 16.48
CA ASN A 405 -33.15 21.48 17.11
C ASN A 405 -34.38 21.27 16.21
N ASP A 406 -34.26 21.64 14.95
CA ASP A 406 -35.35 21.44 14.00
C ASP A 406 -35.65 19.95 13.82
N ALA A 407 -34.61 19.14 13.65
CA ALA A 407 -34.84 17.73 13.37
C ALA A 407 -35.59 17.10 14.53
N VAL A 408 -35.16 17.42 15.75
CA VAL A 408 -35.71 16.81 16.95
C VAL A 408 -37.16 17.24 17.14
N ARG A 409 -37.43 18.53 16.96
CA ARG A 409 -38.77 19.04 17.19
C ARG A 409 -39.78 18.60 16.14
N ASN A 410 -39.31 18.10 14.99
CA ASN A 410 -40.21 17.90 13.84
C ASN A 410 -40.30 16.46 13.33
N VAL A 411 -39.37 15.61 13.72
CA VAL A 411 -39.40 14.20 13.32
C VAL A 411 -39.74 13.28 14.50
N ASN A 412 -38.96 13.39 15.57
CA ASN A 412 -39.13 12.56 16.77
C ASN A 412 -40.57 12.47 17.25
N ALA B 7 -1.14 -28.52 23.12
CA ALA B 7 -2.16 -27.51 22.79
C ALA B 7 -1.87 -26.15 23.44
N ALA B 8 -1.47 -25.18 22.64
CA ALA B 8 -1.22 -23.81 23.13
C ALA B 8 -2.45 -23.29 23.86
N MET B 9 -2.22 -22.50 24.90
CA MET B 9 -3.29 -21.93 25.68
C MET B 9 -3.14 -20.40 25.81
N THR B 10 -2.01 -19.95 26.33
CA THR B 10 -1.77 -18.52 26.46
C THR B 10 -1.36 -17.90 25.13
N THR B 11 -1.40 -16.57 25.01
CA THR B 11 -1.06 -15.97 23.72
C THR B 11 0.39 -16.26 23.41
N THR B 12 1.23 -16.24 24.44
CA THR B 12 2.66 -16.43 24.18
C THR B 12 2.93 -17.83 23.59
N GLU B 13 2.15 -18.79 24.02
CA GLU B 13 2.23 -20.17 23.50
C GLU B 13 1.73 -20.23 22.08
N ARG B 14 0.68 -19.48 21.74
CA ARG B 14 0.24 -19.40 20.32
C ARG B 14 1.27 -18.72 19.42
N TRP B 15 1.80 -17.58 19.83
CA TRP B 15 2.85 -16.94 19.04
C TRP B 15 4.05 -17.88 18.90
N GLN B 16 4.32 -18.69 19.94
CA GLN B 16 5.42 -19.65 19.86
C GLN B 16 5.30 -20.61 18.71
N LYS B 17 4.07 -20.97 18.38
CA LYS B 17 3.85 -21.92 17.32
C LYS B 17 3.82 -21.32 15.92
N ILE B 18 3.96 -20.01 15.79
CA ILE B 18 3.95 -19.45 14.40
C ILE B 18 5.11 -20.00 13.53
N GLN B 19 4.78 -20.34 12.28
CA GLN B 19 5.74 -20.86 11.34
C GLN B 19 6.47 -19.74 10.59
N GLY B 20 7.76 -19.64 10.81
CA GLY B 20 8.57 -18.66 10.11
C GLY B 20 8.47 -18.99 8.62
N ARG B 21 8.57 -17.96 7.79
CA ARG B 21 8.47 -18.10 6.35
C ARG B 21 9.84 -17.90 5.74
N ALA B 22 10.30 -18.94 5.04
CA ALA B 22 11.64 -19.01 4.51
C ALA B 22 12.08 -17.72 3.79
N PRO B 23 13.39 -17.41 3.87
CA PRO B 23 13.84 -16.12 3.37
C PRO B 23 14.09 -16.10 1.86
N ASP B 24 13.88 -14.95 1.24
CA ASP B 24 14.17 -14.75 -0.17
C ASP B 24 15.69 -14.95 -0.42
N PRO B 25 16.07 -15.98 -1.19
CA PRO B 25 17.51 -16.23 -1.35
C PRO B 25 18.22 -15.05 -2.02
N ILE B 26 17.48 -14.28 -2.79
CA ILE B 26 18.02 -13.06 -3.38
C ILE B 26 18.31 -12.09 -2.27
N PHE B 27 17.42 -12.04 -1.28
CA PHE B 27 17.65 -11.15 -0.15
C PHE B 27 18.99 -11.48 0.50
N GLU B 28 19.21 -12.74 0.85
CA GLU B 28 20.43 -13.13 1.55
C GLU B 28 21.69 -12.78 0.71
N LEU B 29 21.61 -12.99 -0.61
CA LEU B 29 22.75 -12.74 -1.48
C LEU B 29 23.08 -11.26 -1.54
N ALA B 30 22.03 -10.46 -1.63
CA ALA B 30 22.16 -9.02 -1.70
C ALA B 30 22.80 -8.44 -0.46
N LYS B 31 22.51 -9.08 0.65
CA LYS B 31 23.06 -8.68 1.94
C LYS B 31 24.55 -8.98 2.02
N ARG B 32 24.90 -10.16 1.51
CA ARG B 32 26.29 -10.55 1.41
C ARG B 32 27.02 -9.54 0.55
N ALA B 33 26.40 -9.21 -0.59
CA ALA B 33 27.03 -8.37 -1.57
C ALA B 33 27.22 -6.96 -1.00
N ALA B 34 26.26 -6.49 -0.21
CA ALA B 34 26.27 -5.12 0.26
C ALA B 34 27.27 -4.95 1.39
N ALA B 35 27.55 -6.04 2.12
CA ALA B 35 28.49 -6.02 3.23
C ALA B 35 29.91 -6.29 2.79
N ALA B 36 30.09 -6.81 1.57
CA ALA B 36 31.40 -7.23 1.12
C ALA B 36 32.37 -6.03 1.04
N LYS B 37 33.62 -6.29 1.43
CA LYS B 37 34.72 -5.35 1.33
C LYS B 37 35.47 -5.62 0.05
N GLY B 38 36.71 -5.14 -0.07
CA GLY B 38 37.54 -5.33 -1.25
C GLY B 38 36.86 -4.85 -2.52
N PRO B 39 37.57 -4.95 -3.65
CA PRO B 39 36.92 -4.59 -4.92
C PRO B 39 35.82 -5.60 -5.29
N LYS B 40 34.70 -5.11 -5.83
CA LYS B 40 33.56 -5.99 -6.08
C LYS B 40 32.63 -5.43 -7.15
N ALA B 41 31.67 -6.26 -7.58
CA ALA B 41 30.54 -5.79 -8.35
C ALA B 41 29.28 -6.35 -7.69
N ASN B 42 28.49 -5.46 -7.12
CA ASN B 42 27.21 -5.84 -6.51
C ASN B 42 26.14 -5.75 -7.59
N LEU B 43 25.85 -6.87 -8.22
CA LEU B 43 24.93 -6.87 -9.35
C LEU B 43 23.69 -7.65 -9.03
N VAL B 44 23.30 -7.67 -7.76
CA VAL B 44 22.23 -8.55 -7.31
C VAL B 44 20.88 -7.89 -7.54
N ILE B 45 20.62 -6.79 -6.87
CA ILE B 45 19.29 -6.18 -6.91
C ILE B 45 19.09 -5.28 -8.11
N GLY B 46 17.84 -5.26 -8.58
CA GLY B 46 17.51 -4.53 -9.79
C GLY B 46 17.16 -3.07 -9.54
N ALA B 47 18.16 -2.23 -9.37
CA ALA B 47 17.97 -0.80 -9.53
C ALA B 47 19.08 -0.18 -10.36
N TYR B 48 18.70 0.84 -11.11
CA TYR B 48 19.62 1.57 -11.93
C TYR B 48 20.75 2.22 -11.12
N ARG B 49 21.97 2.20 -11.66
CA ARG B 49 23.07 2.97 -11.09
C ARG B 49 23.66 3.77 -12.25
N ASP B 50 24.28 4.88 -11.92
CA ASP B 50 24.88 5.75 -12.92
C ASP B 50 26.30 5.30 -13.26
N GLU B 51 27.01 6.11 -14.02
CA GLU B 51 28.33 5.71 -14.52
C GLU B 51 29.40 5.65 -13.40
N GLN B 52 29.05 6.16 -12.21
CA GLN B 52 29.92 6.06 -11.03
C GLN B 52 29.48 4.95 -10.04
N GLY B 53 28.48 4.18 -10.46
CA GLY B 53 27.92 3.11 -9.65
C GLY B 53 27.00 3.54 -8.50
N LEU B 54 26.37 4.71 -8.61
CA LEU B 54 25.67 5.29 -7.45
C LEU B 54 24.18 5.38 -7.71
N PRO B 55 23.37 5.32 -6.66
CA PRO B 55 21.92 5.56 -6.83
C PRO B 55 21.71 6.82 -7.64
N TYR B 56 20.74 6.86 -8.56
CA TYR B 56 20.60 7.97 -9.49
C TYR B 56 19.19 8.62 -9.47
N PRO B 57 18.95 9.52 -8.50
CA PRO B 57 17.75 10.34 -8.52
C PRO B 57 17.71 11.13 -9.80
N LEU B 58 16.61 11.08 -10.56
CA LEU B 58 16.59 11.75 -11.86
C LEU B 58 16.58 13.29 -11.67
N ARG B 59 17.32 14.01 -12.52
CA ARG B 59 17.30 15.48 -12.49
C ARG B 59 15.85 16.00 -12.65
N VAL B 60 15.03 15.38 -13.52
CA VAL B 60 13.64 15.84 -13.70
C VAL B 60 12.78 15.56 -12.46
N VAL B 61 13.11 14.49 -11.72
CA VAL B 61 12.39 14.25 -10.47
C VAL B 61 12.78 15.30 -9.39
N ARG B 62 14.06 15.68 -9.30
CA ARG B 62 14.48 16.75 -8.37
C ARG B 62 13.80 18.09 -8.73
N LYS B 63 13.70 18.39 -10.02
CA LYS B 63 12.94 19.54 -10.50
C LYS B 63 11.46 19.49 -10.08
N ALA B 64 10.82 18.35 -10.32
CA ALA B 64 9.42 18.20 -9.99
C ALA B 64 9.19 18.34 -8.47
N GLU B 65 10.13 17.87 -7.63
CA GLU B 65 9.97 18.00 -6.18
C GLU B 65 9.79 19.45 -5.78
N GLN B 66 10.65 20.30 -6.29
CA GLN B 66 10.61 21.73 -6.01
C GLN B 66 9.34 22.41 -6.55
N LEU B 67 8.97 22.08 -7.79
CA LEU B 67 7.70 22.56 -8.39
C LEU B 67 6.47 22.19 -7.54
N LEU B 68 6.42 20.97 -7.03
CA LEU B 68 5.29 20.52 -6.18
C LEU B 68 5.29 21.30 -4.89
N LEU B 69 6.47 21.52 -4.32
CA LEU B 69 6.50 22.31 -3.07
C LEU B 69 5.99 23.72 -3.31
N ASP B 70 6.38 24.33 -4.43
CA ASP B 70 5.92 25.66 -4.72
C ASP B 70 4.42 25.73 -5.06
N MET B 71 3.73 24.60 -5.18
CA MET B 71 2.31 24.60 -5.47
C MET B 71 1.43 24.72 -4.23
N ASN B 72 2.01 24.60 -3.03
CA ASN B 72 1.27 24.73 -1.77
C ASN B 72 0.04 23.83 -1.75
N LEU B 73 0.30 22.56 -2.03
CA LEU B 73 -0.77 21.54 -2.08
C LEU B 73 -1.10 21.08 -0.64
N ASN B 74 -2.28 20.48 -0.43
CA ASN B 74 -2.66 20.01 0.91
C ASN B 74 -2.42 18.51 0.98
N TYR B 75 -2.75 17.93 2.12
CA TYR B 75 -2.55 16.50 2.34
C TYR B 75 -3.82 15.68 2.53
N GLU B 76 -4.91 16.13 1.97
CA GLU B 76 -6.16 15.48 2.20
C GLU B 76 -6.21 14.17 1.43
N TYR B 77 -7.05 13.24 1.87
CA TYR B 77 -7.11 11.95 1.21
C TYR B 77 -7.33 12.04 -0.26
N LEU B 78 -6.58 11.25 -1.02
CA LEU B 78 -6.99 10.92 -2.38
C LEU B 78 -8.23 10.04 -2.39
N PRO B 79 -8.97 10.07 -3.49
CA PRO B 79 -9.99 9.05 -3.70
C PRO B 79 -9.42 7.63 -3.60
N ILE B 80 -10.28 6.68 -3.35
CA ILE B 80 -9.83 5.30 -3.22
C ILE B 80 -9.04 4.87 -4.47
N SER B 81 -9.48 5.32 -5.63
CA SER B 81 -8.87 4.93 -6.90
CA SER B 81 -8.86 4.91 -6.89
C SER B 81 -7.59 5.71 -7.19
N GLY B 82 -7.35 6.76 -6.41
CA GLY B 82 -6.14 7.54 -6.57
C GLY B 82 -6.33 8.87 -7.33
N TYR B 83 -5.21 9.44 -7.70
CA TYR B 83 -5.13 10.81 -8.24
C TYR B 83 -5.41 10.70 -9.74
N GLN B 84 -6.57 11.19 -10.17
CA GLN B 84 -7.07 10.86 -11.52
C GLN B 84 -6.21 11.45 -12.67
N PRO B 85 -5.63 12.67 -12.51
CA PRO B 85 -4.71 13.17 -13.55
C PRO B 85 -3.49 12.27 -13.75
N PHE B 86 -2.97 11.70 -12.67
CA PHE B 86 -1.86 10.79 -12.81
C PHE B 86 -2.31 9.57 -13.61
N ILE B 87 -3.40 8.94 -13.18
CA ILE B 87 -3.94 7.78 -13.90
C ILE B 87 -4.08 8.05 -15.37
N ASP B 88 -4.73 9.14 -15.71
CA ASP B 88 -4.99 9.48 -17.11
C ASP B 88 -3.70 9.62 -17.92
N GLU B 89 -2.69 10.27 -17.36
CA GLU B 89 -1.42 10.47 -18.09
C GLU B 89 -0.64 9.16 -18.17
N ALA B 90 -0.72 8.36 -17.11
CA ALA B 90 -0.01 7.07 -17.06
C ALA B 90 -0.53 6.09 -18.16
N VAL B 91 -1.84 6.05 -18.36
CA VAL B 91 -2.43 5.12 -19.33
C VAL B 91 -2.27 5.69 -20.72
N LYS B 92 -2.25 7.00 -20.83
CA LYS B 92 -1.96 7.60 -22.12
C LYS B 92 -0.52 7.31 -22.55
N MET B 93 0.41 7.19 -21.59
CA MET B 93 1.79 6.85 -21.89
C MET B 93 1.92 5.43 -22.47
N THR B 94 1.20 4.47 -21.93
CA THR B 94 1.41 3.11 -22.41
C THR B 94 0.65 2.86 -23.73
N TYR B 95 -0.57 3.39 -23.89
CA TYR B 95 -1.41 3.13 -25.06
C TYR B 95 -1.43 4.25 -26.12
N GLY B 96 -0.99 5.45 -25.75
CA GLY B 96 -1.02 6.63 -26.61
C GLY B 96 -2.34 7.39 -26.54
N ASP B 97 -2.43 8.54 -27.19
CA ASP B 97 -3.69 9.27 -27.23
C ASP B 97 -4.66 8.73 -28.31
N THR B 98 -5.43 7.73 -27.91
CA THR B 98 -6.14 6.88 -28.85
C THR B 98 -7.54 6.50 -28.32
N VAL B 99 -8.26 5.72 -29.13
CA VAL B 99 -9.64 5.32 -28.84
C VAL B 99 -9.74 4.60 -27.48
N GLU B 100 -8.64 3.99 -27.07
CA GLU B 100 -8.62 3.23 -25.82
C GLU B 100 -9.00 4.06 -24.57
N LEU B 101 -8.62 5.33 -24.54
CA LEU B 101 -8.67 6.11 -23.30
C LEU B 101 -10.09 6.25 -22.71
N GLU B 102 -11.09 6.12 -23.55
CA GLU B 102 -12.50 6.17 -23.13
C GLU B 102 -13.04 4.79 -22.77
N ASN B 103 -12.45 3.76 -23.39
CA ASN B 103 -12.87 2.37 -23.22
C ASN B 103 -11.98 1.58 -22.27
N LEU B 104 -11.51 2.20 -21.20
CA LEU B 104 -10.79 1.44 -20.23
C LEU B 104 -11.14 1.86 -18.81
N VAL B 105 -10.86 0.94 -17.90
CA VAL B 105 -10.97 1.20 -16.47
C VAL B 105 -9.57 1.14 -15.87
N ALA B 106 -9.22 2.13 -15.05
CA ALA B 106 -7.89 2.17 -14.47
C ALA B 106 -7.88 2.81 -13.06
N VAL B 107 -7.02 2.28 -12.20
CA VAL B 107 -6.77 2.89 -10.89
C VAL B 107 -5.30 3.05 -10.60
N GLN B 108 -5.00 3.90 -9.62
CA GLN B 108 -3.66 4.05 -9.14
C GLN B 108 -3.37 2.86 -8.22
N THR B 109 -2.13 2.40 -8.17
CA THR B 109 -1.75 1.30 -7.32
C THR B 109 -0.41 1.57 -6.67
N LEU B 110 -0.06 0.73 -5.70
CA LEU B 110 1.23 0.78 -5.05
C LEU B 110 2.25 0.15 -5.97
N SER B 111 2.57 0.92 -6.99
CA SER B 111 3.51 0.54 -8.04
C SER B 111 3.07 -0.75 -8.79
N GLY B 112 4.00 -1.42 -9.47
CA GLY B 112 3.70 -2.61 -10.23
C GLY B 112 3.22 -3.74 -9.33
N THR B 113 3.91 -3.93 -8.22
CA THR B 113 3.61 -5.06 -7.30
C THR B 113 2.15 -4.94 -6.90
N GLY B 114 1.76 -3.72 -6.56
CA GLY B 114 0.43 -3.47 -6.07
C GLY B 114 -0.56 -3.73 -7.16
N ALA B 115 -0.22 -3.33 -8.40
CA ALA B 115 -1.12 -3.56 -9.49
C ALA B 115 -1.25 -5.05 -9.80
N LEU B 116 -0.14 -5.77 -9.67
CA LEU B 116 -0.14 -7.21 -9.92
C LEU B 116 -1.03 -7.89 -8.87
N SER B 117 -0.90 -7.55 -7.60
CA SER B 117 -1.71 -8.20 -6.57
CA SER B 117 -1.70 -8.21 -6.57
C SER B 117 -3.18 -7.85 -6.76
N LEU B 118 -3.47 -6.58 -6.94
CA LEU B 118 -4.84 -6.16 -7.19
C LEU B 118 -5.46 -6.82 -8.41
N GLY B 119 -4.68 -6.85 -9.48
CA GLY B 119 -5.13 -7.49 -10.69
C GLY B 119 -5.36 -8.97 -10.53
N ALA B 120 -4.48 -9.66 -9.82
CA ALA B 120 -4.68 -11.10 -9.62
C ALA B 120 -5.92 -11.41 -8.76
N LYS B 121 -6.19 -10.56 -7.79
CA LYS B 121 -7.40 -10.69 -6.95
C LYS B 121 -8.62 -10.40 -7.80
N LEU B 122 -8.59 -9.28 -8.51
CA LEU B 122 -9.70 -8.92 -9.42
C LEU B 122 -10.06 -10.10 -10.31
N LEU B 123 -9.05 -10.74 -10.91
CA LEU B 123 -9.34 -11.81 -11.86
C LEU B 123 -10.07 -12.99 -11.21
N THR B 124 -9.99 -13.17 -9.89
CA THR B 124 -10.71 -14.26 -9.20
C THR B 124 -12.21 -13.97 -9.15
N HIS B 125 -12.58 -12.74 -9.53
CA HIS B 125 -14.00 -12.40 -9.62
C HIS B 125 -14.60 -12.65 -11.01
N VAL B 126 -13.72 -12.98 -11.97
CA VAL B 126 -14.10 -13.29 -13.38
C VAL B 126 -13.80 -14.73 -13.74
N PHE B 127 -12.72 -15.29 -13.20
CA PHE B 127 -12.35 -16.69 -13.39
C PHE B 127 -12.42 -17.50 -12.10
N ASP B 128 -12.54 -18.82 -12.21
CA ASP B 128 -12.58 -19.69 -11.03
C ASP B 128 -11.15 -20.04 -10.63
N ALA B 129 -10.61 -19.31 -9.66
CA ALA B 129 -9.20 -19.42 -9.35
C ALA B 129 -8.87 -20.76 -8.74
N GLU B 130 -9.92 -21.54 -8.47
CA GLU B 130 -9.75 -22.86 -7.93
C GLU B 130 -9.40 -23.83 -9.05
N LYS B 131 -9.98 -23.61 -10.23
CA LYS B 131 -9.85 -24.54 -11.36
C LYS B 131 -9.11 -23.95 -12.55
N THR B 132 -9.29 -22.66 -12.79
CA THR B 132 -8.67 -22.06 -13.97
C THR B 132 -7.15 -21.92 -13.80
N PRO B 133 -6.35 -22.44 -14.76
CA PRO B 133 -4.91 -22.27 -14.56
C PRO B 133 -4.42 -20.85 -14.84
N ILE B 134 -3.39 -20.46 -14.11
CA ILE B 134 -2.64 -19.25 -14.42
C ILE B 134 -1.18 -19.62 -14.73
N TYR B 135 -0.72 -19.09 -15.86
CA TYR B 135 0.55 -19.43 -16.45
C TYR B 135 1.59 -18.32 -16.32
N LEU B 136 2.72 -18.68 -15.74
CA LEU B 136 3.86 -17.77 -15.56
C LEU B 136 4.98 -18.16 -16.53
N ALA B 137 5.88 -17.23 -16.88
CA ALA B 137 6.98 -17.56 -17.80
C ALA B 137 8.01 -18.46 -17.09
N ASP B 138 8.65 -19.35 -17.87
CA ASP B 138 9.80 -20.13 -17.39
C ASP B 138 11.13 -19.57 -17.93
N PRO B 139 11.93 -18.93 -17.07
CA PRO B 139 11.70 -18.53 -15.66
C PRO B 139 11.00 -17.19 -15.58
N THR B 140 10.67 -16.76 -14.37
CA THR B 140 10.13 -15.41 -14.17
C THR B 140 10.50 -14.85 -12.79
N TRP B 141 10.21 -13.56 -12.59
CA TRP B 141 10.37 -12.87 -11.32
C TRP B 141 9.76 -13.75 -10.21
N PRO B 142 10.57 -14.15 -9.20
CA PRO B 142 10.03 -15.12 -8.23
C PRO B 142 8.81 -14.61 -7.49
N ASN B 143 8.69 -13.29 -7.36
CA ASN B 143 7.56 -12.70 -6.66
C ASN B 143 6.25 -12.86 -7.44
N HIS B 144 6.32 -13.11 -8.75
CA HIS B 144 5.09 -13.42 -9.48
C HIS B 144 4.36 -14.59 -8.85
N TYR B 145 5.09 -15.67 -8.61
CA TYR B 145 4.51 -16.85 -7.98
CA TYR B 145 4.51 -16.84 -7.96
C TYR B 145 3.88 -16.49 -6.63
N SER B 146 4.61 -15.74 -5.80
CA SER B 146 4.10 -15.35 -4.48
C SER B 146 2.82 -14.55 -4.56
N ILE B 147 2.80 -13.60 -5.49
CA ILE B 147 1.69 -12.67 -5.59
C ILE B 147 0.40 -13.42 -6.01
N VAL B 148 0.53 -14.27 -7.01
CA VAL B 148 -0.63 -15.00 -7.52
C VAL B 148 -1.14 -16.04 -6.52
N LYS B 149 -0.22 -16.76 -5.89
CA LYS B 149 -0.57 -17.73 -4.87
C LYS B 149 -1.32 -17.00 -3.78
N ALA B 150 -0.82 -15.86 -3.36
CA ALA B 150 -1.44 -15.14 -2.25
C ALA B 150 -2.80 -14.55 -2.65
N ALA B 151 -2.98 -14.23 -3.93
CA ALA B 151 -4.29 -13.77 -4.42
C ALA B 151 -5.33 -14.90 -4.53
N GLY B 152 -4.93 -16.15 -4.32
CA GLY B 152 -5.88 -17.27 -4.29
C GLY B 152 -5.84 -18.28 -5.44
N TRP B 153 -4.90 -18.10 -6.36
CA TRP B 153 -4.74 -19.01 -7.51
C TRP B 153 -4.13 -20.37 -7.10
N LYS B 154 -4.86 -21.43 -7.38
CA LYS B 154 -4.51 -22.77 -6.85
C LYS B 154 -3.79 -23.64 -7.90
N ASP B 155 -3.93 -23.30 -9.17
CA ASP B 155 -3.31 -24.10 -10.23
C ASP B 155 -2.41 -23.15 -10.97
N ILE B 156 -1.17 -23.02 -10.48
CA ILE B 156 -0.16 -22.11 -11.04
C ILE B 156 0.77 -22.90 -11.96
N ARG B 157 0.88 -22.50 -13.23
CA ARG B 157 1.58 -23.35 -14.22
C ARG B 157 2.66 -22.52 -14.87
N THR B 158 3.46 -23.13 -15.75
CA THR B 158 4.43 -22.34 -16.53
C THR B 158 4.39 -22.63 -18.00
N TYR B 159 4.67 -21.59 -18.79
CA TYR B 159 4.84 -21.75 -20.23
C TYR B 159 6.34 -21.62 -20.58
N ALA B 160 6.81 -22.48 -21.46
CA ALA B 160 8.17 -22.39 -21.97
C ALA B 160 8.42 -20.98 -22.51
N TYR B 161 9.62 -20.47 -22.29
CA TYR B 161 9.90 -19.09 -22.66
C TYR B 161 11.39 -18.93 -23.03
N TYR B 162 12.27 -19.12 -22.07
CA TYR B 162 13.70 -19.08 -22.35
C TYR B 162 14.22 -20.43 -22.77
N ASP B 163 15.04 -20.44 -23.81
CA ASP B 163 15.68 -21.66 -24.28
C ASP B 163 17.05 -21.77 -23.64
N HIS B 164 17.19 -22.71 -22.71
CA HIS B 164 18.38 -22.76 -21.89
C HIS B 164 19.58 -23.22 -22.71
N LYS B 165 19.32 -23.76 -23.90
CA LYS B 165 20.36 -24.24 -24.78
C LYS B 165 20.85 -23.12 -25.69
N THR B 166 19.91 -22.43 -26.32
CA THR B 166 20.22 -21.41 -27.32
C THR B 166 20.42 -20.05 -26.68
N LEU B 167 19.98 -19.92 -25.44
CA LEU B 167 20.06 -18.68 -24.66
C LEU B 167 19.19 -17.58 -25.27
N GLY B 168 18.26 -17.98 -26.13
CA GLY B 168 17.30 -17.07 -26.71
C GLY B 168 15.88 -17.50 -26.36
N LEU B 169 14.90 -17.02 -27.12
CA LEU B 169 13.52 -17.40 -26.89
C LEU B 169 13.16 -18.78 -27.47
N ASP B 170 12.46 -19.57 -26.67
CA ASP B 170 11.93 -20.85 -27.11
C ASP B 170 10.49 -20.63 -27.61
N PHE B 171 10.39 -20.03 -28.78
CA PHE B 171 9.12 -19.57 -29.28
C PHE B 171 8.20 -20.77 -29.62
N GLU B 172 8.75 -21.82 -30.22
CA GLU B 172 7.96 -23.04 -30.53
C GLU B 172 7.34 -23.66 -29.27
N GLY B 173 8.16 -23.82 -28.23
CA GLY B 173 7.70 -24.29 -26.94
C GLY B 173 6.68 -23.39 -26.26
N MET B 174 6.90 -22.07 -26.31
CA MET B 174 5.90 -21.13 -25.81
C MET B 174 4.55 -21.36 -26.51
N LYS B 175 4.55 -21.28 -27.83
CA LYS B 175 3.33 -21.53 -28.62
C LYS B 175 2.60 -22.85 -28.27
N LYS B 176 3.38 -23.93 -28.17
CA LYS B 176 2.84 -25.25 -27.78
C LYS B 176 2.14 -25.17 -26.42
N ASP B 177 2.71 -24.43 -25.45
CA ASP B 177 2.14 -24.38 -24.11
C ASP B 177 0.91 -23.50 -24.13
N ILE B 178 0.93 -22.43 -24.94
CA ILE B 178 -0.25 -21.60 -25.10
C ILE B 178 -1.40 -22.42 -25.67
N LEU B 179 -1.11 -23.24 -26.66
CA LEU B 179 -2.15 -24.03 -27.31
C LEU B 179 -2.61 -25.22 -26.46
N ALA B 180 -1.72 -25.76 -25.64
CA ALA B 180 -2.00 -26.97 -24.85
C ALA B 180 -2.77 -26.68 -23.57
N ALA B 181 -2.69 -25.44 -23.09
CA ALA B 181 -3.48 -25.00 -21.97
C ALA B 181 -4.97 -25.00 -22.30
N PRO B 182 -5.82 -25.21 -21.29
CA PRO B 182 -7.26 -25.17 -21.56
C PRO B 182 -7.71 -23.78 -22.01
N ASP B 183 -8.66 -23.70 -22.94
CA ASP B 183 -9.21 -22.40 -23.30
C ASP B 183 -9.57 -21.60 -22.08
N GLY B 184 -9.43 -20.29 -22.18
CA GLY B 184 -9.85 -19.43 -21.12
C GLY B 184 -8.94 -19.44 -19.89
N SER B 185 -7.64 -19.68 -20.08
CA SER B 185 -6.68 -19.65 -18.98
C SER B 185 -6.12 -18.21 -18.83
N VAL B 186 -5.38 -17.94 -17.76
CA VAL B 186 -4.74 -16.65 -17.60
C VAL B 186 -3.23 -16.77 -17.86
N PHE B 187 -2.69 -15.83 -18.65
CA PHE B 187 -1.30 -15.78 -18.98
C PHE B 187 -0.70 -14.45 -18.52
N LEU B 188 0.29 -14.52 -17.64
CA LEU B 188 1.02 -13.33 -17.14
C LEU B 188 2.23 -13.15 -18.05
N LEU B 189 2.17 -12.15 -18.91
CA LEU B 189 3.20 -11.88 -19.91
C LEU B 189 4.01 -10.68 -19.50
N HIS B 190 5.31 -10.73 -19.71
CA HIS B 190 6.17 -9.56 -19.51
C HIS B 190 6.04 -8.66 -20.75
N GLN B 191 5.62 -7.44 -20.57
CA GLN B 191 5.34 -6.56 -21.71
C GLN B 191 6.60 -6.24 -22.51
N CYS B 192 7.71 -5.95 -21.84
CA CYS B 192 9.03 -5.81 -22.49
C CYS B 192 10.13 -6.02 -21.43
N ALA B 193 11.37 -6.26 -21.86
CA ALA B 193 12.48 -6.52 -20.93
C ALA B 193 12.11 -7.64 -19.95
N HIS B 194 11.98 -8.86 -20.45
CA HIS B 194 11.69 -9.97 -19.57
C HIS B 194 12.66 -10.06 -18.38
N ASN B 195 12.12 -10.32 -17.21
CA ASN B 195 12.92 -10.45 -15.99
C ASN B 195 12.73 -11.89 -15.52
N PRO B 196 13.81 -12.67 -15.37
CA PRO B 196 15.24 -12.31 -15.25
C PRO B 196 16.13 -12.38 -16.51
N THR B 197 15.61 -12.73 -17.68
CA THR B 197 16.49 -13.16 -18.78
C THR B 197 16.90 -12.09 -19.79
N GLY B 198 16.11 -11.03 -19.92
CA GLY B 198 16.39 -10.01 -20.90
C GLY B 198 15.93 -10.46 -22.27
N VAL B 199 15.33 -11.66 -22.37
CA VAL B 199 14.93 -12.14 -23.71
C VAL B 199 13.47 -11.77 -24.02
N ASP B 200 13.25 -11.06 -25.14
CA ASP B 200 11.89 -10.60 -25.57
C ASP B 200 11.49 -11.21 -26.94
N PRO B 201 10.20 -11.47 -27.18
CA PRO B 201 9.74 -11.81 -28.52
C PRO B 201 9.89 -10.62 -29.46
N SER B 202 10.07 -10.93 -30.73
CA SER B 202 10.08 -9.93 -31.79
C SER B 202 8.69 -9.36 -31.99
N GLN B 203 8.59 -8.29 -32.76
CA GLN B 203 7.29 -7.75 -33.10
C GLN B 203 6.45 -8.81 -33.81
N GLU B 204 7.00 -9.43 -34.84
CA GLU B 204 6.21 -10.40 -35.58
C GLU B 204 5.80 -11.53 -34.63
N GLN B 205 6.67 -11.88 -33.67
CA GLN B 205 6.34 -12.95 -32.71
C GLN B 205 5.23 -12.51 -31.76
N TRP B 206 5.25 -11.26 -31.34
CA TRP B 206 4.18 -10.74 -30.50
C TRP B 206 2.84 -10.88 -31.24
N ASN B 207 2.83 -10.55 -32.52
CA ASN B 207 1.59 -10.66 -33.28
C ASN B 207 1.07 -12.11 -33.34
N GLU B 208 1.95 -13.08 -33.57
CA GLU B 208 1.54 -14.48 -33.50
C GLU B 208 0.95 -14.80 -32.12
N ILE B 209 1.54 -14.23 -31.07
CA ILE B 209 1.10 -14.53 -29.72
C ILE B 209 -0.32 -13.96 -29.55
N ALA B 210 -0.56 -12.76 -30.04
CA ALA B 210 -1.87 -12.14 -29.88
C ALA B 210 -2.92 -13.05 -30.52
N SER B 211 -2.60 -13.52 -31.71
CA SER B 211 -3.52 -14.37 -32.46
C SER B 211 -3.85 -15.64 -31.67
N LEU B 212 -2.82 -16.25 -31.10
CA LEU B 212 -3.02 -17.47 -30.33
C LEU B 212 -3.91 -17.18 -29.11
N MET B 213 -3.66 -16.04 -28.47
CA MET B 213 -4.44 -15.70 -27.28
C MET B 213 -5.93 -15.51 -27.64
N LEU B 214 -6.22 -14.93 -28.80
CA LEU B 214 -7.59 -14.72 -29.22
C LEU B 214 -8.28 -16.07 -29.51
N ALA B 215 -7.60 -16.88 -30.33
CA ALA B 215 -8.11 -18.19 -30.70
C ALA B 215 -8.40 -19.06 -29.48
N LYS B 216 -7.61 -18.93 -28.42
CA LYS B 216 -7.79 -19.75 -27.22
C LYS B 216 -8.65 -19.08 -26.14
N HIS B 217 -9.04 -17.83 -26.37
CA HIS B 217 -9.85 -17.05 -25.41
C HIS B 217 -9.16 -16.89 -24.05
N HIS B 218 -7.83 -16.88 -24.07
CA HIS B 218 -7.07 -16.64 -22.88
C HIS B 218 -7.20 -15.18 -22.43
N GLN B 219 -7.15 -14.98 -21.12
CA GLN B 219 -7.00 -13.64 -20.56
C GLN B 219 -5.53 -13.26 -20.48
N VAL B 220 -5.23 -12.06 -20.99
CA VAL B 220 -3.87 -11.56 -21.01
C VAL B 220 -3.68 -10.61 -19.82
N PHE B 221 -2.67 -10.89 -19.01
CA PHE B 221 -2.28 -10.00 -17.90
C PHE B 221 -0.84 -9.57 -18.17
N PHE B 222 -0.62 -8.32 -18.55
CA PHE B 222 0.73 -7.81 -18.84
C PHE B 222 1.34 -7.26 -17.56
N ASP B 223 2.58 -7.66 -17.29
CA ASP B 223 3.43 -6.98 -16.30
C ASP B 223 4.29 -5.98 -17.05
N SER B 224 4.07 -4.69 -16.84
CA SER B 224 4.79 -3.64 -17.57
C SER B 224 5.61 -2.72 -16.64
N ALA B 225 6.80 -3.19 -16.30
CA ALA B 225 7.62 -2.51 -15.31
C ALA B 225 8.71 -1.65 -15.93
N TYR B 226 8.94 -1.76 -17.25
CA TYR B 226 10.14 -1.20 -17.87
C TYR B 226 9.92 -0.37 -19.13
N GLN B 227 8.71 0.11 -19.39
CA GLN B 227 8.49 0.91 -20.60
C GLN B 227 9.43 2.11 -20.67
N GLY B 228 10.15 2.21 -21.78
CA GLY B 228 11.08 3.31 -22.04
C GLY B 228 12.47 2.96 -21.54
N TYR B 229 12.46 2.30 -20.42
CA TYR B 229 13.68 2.01 -19.69
C TYR B 229 14.40 0.88 -20.44
N ALA B 230 13.63 0.00 -21.06
CA ALA B 230 14.21 -1.12 -21.79
C ALA B 230 15.00 -0.72 -23.00
N SER B 231 14.39 -0.02 -23.96
CA SER B 231 15.09 0.34 -25.20
C SER B 231 15.50 1.81 -25.30
N GLY B 232 14.94 2.63 -24.42
CA GLY B 232 15.15 4.07 -24.50
C GLY B 232 13.99 4.81 -25.15
N SER B 233 13.07 4.06 -25.75
CA SER B 233 11.92 4.61 -26.49
C SER B 233 10.61 4.08 -25.84
N LEU B 234 9.75 5.01 -25.43
CA LEU B 234 8.45 4.65 -24.93
C LEU B 234 7.60 3.98 -25.96
N ASP B 235 7.58 4.49 -27.19
CA ASP B 235 6.82 3.84 -28.26
C ASP B 235 7.25 2.41 -28.48
N THR B 236 8.55 2.21 -28.71
CA THR B 236 9.10 0.88 -29.02
C THR B 236 8.72 -0.09 -27.94
N ASP B 237 8.99 0.32 -26.71
CA ASP B 237 8.76 -0.55 -25.60
C ASP B 237 7.26 -0.84 -25.34
N ALA B 238 6.35 -0.03 -25.88
CA ALA B 238 4.90 -0.30 -25.71
C ALA B 238 4.29 -1.20 -26.82
N TYR B 239 5.11 -1.69 -27.74
CA TYR B 239 4.57 -2.43 -28.86
C TYR B 239 3.57 -3.54 -28.49
N ALA B 240 3.91 -4.42 -27.54
CA ALA B 240 3.06 -5.57 -27.29
C ALA B 240 1.65 -5.11 -26.82
N ALA B 241 1.64 -4.15 -25.88
CA ALA B 241 0.40 -3.64 -25.29
C ALA B 241 -0.48 -3.02 -26.38
N ARG B 242 0.13 -2.20 -27.22
CA ARG B 242 -0.62 -1.52 -28.28
C ARG B 242 -1.09 -2.49 -29.35
N LEU B 243 -0.22 -3.41 -29.76
CA LEU B 243 -0.63 -4.42 -30.69
C LEU B 243 -1.81 -5.22 -30.12
N PHE B 244 -1.70 -5.69 -28.88
CA PHE B 244 -2.75 -6.52 -28.32
C PHE B 244 -4.07 -5.75 -28.25
N ALA B 245 -3.97 -4.47 -27.86
CA ALA B 245 -5.12 -3.57 -27.87
C ALA B 245 -5.74 -3.49 -29.27
N ARG B 246 -4.92 -3.29 -30.29
CA ARG B 246 -5.46 -3.17 -31.64
C ARG B 246 -6.03 -4.49 -32.15
N ARG B 247 -5.53 -5.61 -31.67
CA ARG B 247 -6.08 -6.91 -32.08
C ARG B 247 -7.41 -7.24 -31.32
N GLY B 248 -7.86 -6.34 -30.43
CA GLY B 248 -9.13 -6.53 -29.74
C GLY B 248 -9.03 -7.32 -28.43
N ILE B 249 -7.84 -7.47 -27.90
CA ILE B 249 -7.66 -8.25 -26.71
C ILE B 249 -8.03 -7.39 -25.49
N GLU B 250 -8.75 -7.95 -24.52
CA GLU B 250 -9.07 -7.20 -23.29
C GLU B 250 -7.90 -7.25 -22.31
N VAL B 251 -6.95 -6.33 -22.50
CA VAL B 251 -5.66 -6.39 -21.86
C VAL B 251 -5.80 -5.95 -20.41
N LEU B 252 -5.40 -6.79 -19.45
CA LEU B 252 -5.20 -6.35 -18.07
C LEU B 252 -3.70 -6.02 -17.95
N LEU B 253 -3.36 -4.83 -17.45
CA LEU B 253 -1.96 -4.34 -17.45
C LEU B 253 -1.52 -3.64 -16.15
N ALA B 254 -0.41 -4.14 -15.59
CA ALA B 254 0.18 -3.62 -14.34
C ALA B 254 1.39 -2.81 -14.71
N GLN B 255 1.35 -1.53 -14.32
CA GLN B 255 2.33 -0.55 -14.69
C GLN B 255 3.11 0.00 -13.51
N SER B 256 4.42 0.16 -13.69
CA SER B 256 5.27 0.71 -12.65
C SER B 256 6.06 1.92 -13.13
N PHE B 257 6.24 2.90 -12.24
CA PHE B 257 7.20 4.02 -12.47
C PHE B 257 8.49 3.91 -11.64
N SER B 258 8.73 2.73 -11.05
CA SER B 258 9.90 2.57 -10.23
C SER B 258 11.19 2.70 -11.03
N LYS B 259 11.29 2.06 -12.18
N LYS B 259 11.27 2.06 -12.18
CA LYS B 259 12.56 2.07 -12.92
CA LYS B 259 12.51 2.05 -12.95
C LYS B 259 12.61 3.25 -13.89
C LYS B 259 12.61 3.24 -13.90
N ASN B 260 11.56 3.46 -14.69
CA ASN B 260 11.64 4.46 -15.77
C ASN B 260 11.63 5.91 -15.21
N MET B 261 11.13 6.15 -14.00
CA MET B 261 11.36 7.46 -13.31
C MET B 261 12.22 7.38 -12.03
N GLY B 262 12.78 6.21 -11.72
CA GLY B 262 13.59 6.10 -10.52
C GLY B 262 12.82 6.29 -9.21
N LEU B 263 11.51 6.08 -9.25
CA LEU B 263 10.66 6.34 -8.09
C LEU B 263 10.41 5.08 -7.26
N TYR B 264 11.47 4.32 -7.05
CA TYR B 264 11.35 3.02 -6.39
C TYR B 264 10.61 3.16 -5.05
N SER B 265 11.05 4.15 -4.29
CA SER B 265 10.58 4.38 -2.92
C SER B 265 9.20 5.02 -2.76
N GLU B 266 8.67 5.61 -3.83
CA GLU B 266 7.41 6.33 -3.72
C GLU B 266 6.19 5.51 -4.21
N ARG B 267 6.44 4.38 -4.84
CA ARG B 267 5.39 3.40 -5.16
C ARG B 267 4.24 3.91 -6.03
N ALA B 268 4.55 4.34 -7.24
CA ALA B 268 3.55 4.84 -8.16
C ALA B 268 3.33 3.87 -9.34
N GLY B 269 2.08 3.43 -9.53
CA GLY B 269 1.76 2.52 -10.63
C GLY B 269 0.31 2.60 -10.93
N THR B 270 -0.17 1.80 -11.88
CA THR B 270 -1.60 1.76 -12.23
C THR B 270 -1.91 0.34 -12.61
N LEU B 271 -3.19 0.02 -12.47
CA LEU B 271 -3.79 -1.18 -13.03
C LEU B 271 -4.90 -0.73 -13.98
N SER B 272 -4.90 -1.24 -15.23
CA SER B 272 -5.89 -0.87 -16.22
CA SER B 272 -5.91 -0.88 -16.22
C SER B 272 -6.41 -2.11 -16.97
N LEU B 273 -7.67 -2.04 -17.41
CA LEU B 273 -8.34 -3.06 -18.17
C LEU B 273 -9.03 -2.42 -19.36
N LEU B 274 -8.75 -2.98 -20.54
CA LEU B 274 -9.43 -2.56 -21.77
C LEU B 274 -10.72 -3.33 -21.88
N LEU B 275 -11.83 -2.61 -21.83
CA LEU B 275 -13.14 -3.26 -21.79
C LEU B 275 -14.21 -2.37 -22.42
N LYS B 276 -14.88 -2.86 -23.47
CA LYS B 276 -15.81 -2.03 -24.27
C LYS B 276 -17.06 -1.48 -23.54
N ASP B 277 -17.77 -2.32 -22.80
CA ASP B 277 -19.07 -1.90 -22.31
C ASP B 277 -18.90 -1.00 -21.13
N LYS B 278 -19.58 0.15 -21.17
CA LYS B 278 -19.40 1.17 -20.14
C LYS B 278 -20.02 0.78 -18.79
N THR B 279 -21.19 0.13 -18.81
CA THR B 279 -21.83 -0.30 -17.56
C THR B 279 -20.93 -1.30 -16.84
N LYS B 280 -20.31 -2.18 -17.61
CA LYS B 280 -19.45 -3.16 -17.00
C LYS B 280 -18.17 -2.50 -16.50
N ARG B 281 -17.72 -1.42 -17.14
CA ARG B 281 -16.56 -0.66 -16.64
CA ARG B 281 -16.56 -0.67 -16.64
C ARG B 281 -16.80 -0.22 -15.19
N ALA B 282 -18.02 0.21 -14.91
CA ALA B 282 -18.30 0.73 -13.59
C ALA B 282 -18.39 -0.38 -12.56
N ASP B 283 -18.88 -1.55 -12.97
CA ASP B 283 -18.85 -2.72 -12.08
C ASP B 283 -17.43 -3.16 -11.79
N VAL B 284 -16.61 -3.23 -12.82
CA VAL B 284 -15.21 -3.58 -12.57
C VAL B 284 -14.59 -2.59 -11.61
N LYS B 285 -14.89 -1.31 -11.82
CA LYS B 285 -14.34 -0.27 -10.99
C LYS B 285 -14.75 -0.54 -9.54
N SER B 286 -16.01 -0.95 -9.34
CA SER B 286 -16.50 -1.03 -7.99
C SER B 286 -15.80 -2.16 -7.26
N VAL B 287 -15.42 -3.23 -7.98
CA VAL B 287 -14.67 -4.34 -7.37
C VAL B 287 -13.24 -3.87 -7.06
N MET B 288 -12.55 -3.18 -8.00
CA MET B 288 -11.24 -2.67 -7.73
C MET B 288 -11.25 -1.79 -6.46
N ASP B 289 -12.24 -0.93 -6.33
CA ASP B 289 -12.27 0.01 -5.22
C ASP B 289 -12.53 -0.74 -3.91
N SER B 290 -13.35 -1.78 -3.96
CA SER B 290 -13.64 -2.59 -2.76
C SER B 290 -12.40 -3.31 -2.25
N LEU B 291 -11.61 -3.84 -3.19
CA LEU B 291 -10.38 -4.56 -2.85
C LEU B 291 -9.31 -3.61 -2.22
N ILE B 292 -9.18 -2.43 -2.80
CA ILE B 292 -8.31 -1.35 -2.29
C ILE B 292 -8.68 -0.94 -0.89
N ARG B 293 -9.97 -0.72 -0.68
CA ARG B 293 -10.51 -0.10 0.53
C ARG B 293 -10.21 -0.97 1.77
N ALA B 294 -10.28 -2.27 1.56
CA ALA B 294 -10.05 -3.20 2.65
C ALA B 294 -8.61 -3.47 2.91
N GLU B 295 -7.75 -2.97 2.04
CA GLU B 295 -6.34 -3.24 2.14
C GLU B 295 -5.61 -1.98 2.66
N TYR B 296 -5.88 -0.80 2.09
CA TYR B 296 -5.13 0.42 2.50
C TYR B 296 -5.89 1.73 2.35
N THR B 297 -7.17 1.62 2.01
CA THR B 297 -8.16 2.71 1.87
C THR B 297 -7.93 3.61 0.64
N CYS B 298 -6.78 4.26 0.54
CA CYS B 298 -6.45 5.01 -0.68
C CYS B 298 -4.93 5.14 -0.79
N PRO B 299 -4.42 5.46 -2.00
CA PRO B 299 -2.99 5.32 -2.24
C PRO B 299 -2.21 6.57 -1.84
N PRO B 300 -0.89 6.46 -1.71
CA PRO B 300 -0.13 7.65 -1.36
C PRO B 300 -0.03 8.62 -2.52
N ALA B 301 0.00 9.93 -2.23
CA ALA B 301 -0.09 10.92 -3.31
C ALA B 301 1.27 11.37 -3.88
N HIS B 302 2.32 11.33 -3.09
CA HIS B 302 3.56 12.08 -3.49
C HIS B 302 4.17 11.53 -4.81
N GLY B 303 4.34 10.21 -4.92
CA GLY B 303 4.78 9.57 -6.13
C GLY B 303 3.91 9.83 -7.36
N ALA B 304 2.62 9.82 -7.14
CA ALA B 304 1.68 10.09 -8.21
C ALA B 304 1.78 11.53 -8.66
N ARG B 305 1.96 12.46 -7.72
CA ARG B 305 2.03 13.87 -8.09
CA ARG B 305 2.03 13.88 -8.09
C ARG B 305 3.34 14.17 -8.85
N LEU B 306 4.47 13.60 -8.40
CA LEU B 306 5.72 13.66 -9.16
C LEU B 306 5.56 13.09 -10.60
N ALA B 307 5.06 11.87 -10.74
CA ALA B 307 4.96 11.28 -12.07
C ALA B 307 3.98 12.04 -12.97
N HIS B 308 2.87 12.53 -12.40
CA HIS B 308 1.93 13.30 -13.21
C HIS B 308 2.53 14.58 -13.77
N LEU B 309 3.28 15.29 -12.91
CA LEU B 309 3.88 16.57 -13.33
C LEU B 309 4.93 16.32 -14.46
N ILE B 310 5.71 15.26 -14.33
CA ILE B 310 6.71 14.95 -15.34
C ILE B 310 6.03 14.50 -16.65
N LEU B 311 4.95 13.74 -16.53
CA LEU B 311 4.23 13.27 -17.73
C LEU B 311 3.55 14.39 -18.45
N SER B 312 3.06 15.37 -17.68
CA SER B 312 2.15 16.38 -18.20
C SER B 312 2.81 17.69 -18.57
N ASN B 313 3.78 18.12 -17.78
CA ASN B 313 4.48 19.35 -18.12
C ASN B 313 5.32 19.06 -19.40
N ASN B 314 4.98 19.75 -20.49
CA ASN B 314 5.63 19.51 -21.78
C ASN B 314 7.14 19.57 -21.71
N GLU B 315 7.67 20.46 -20.89
CA GLU B 315 9.11 20.66 -20.80
C GLU B 315 9.76 19.52 -19.95
N LEU B 316 9.14 19.15 -18.85
CA LEU B 316 9.67 18.07 -18.04
C LEU B 316 9.56 16.74 -18.76
N ARG B 317 8.46 16.58 -19.50
CA ARG B 317 8.23 15.35 -20.26
C ARG B 317 9.37 15.18 -21.26
N LYS B 318 9.72 16.24 -21.97
CA LYS B 318 10.79 16.16 -22.97
C LYS B 318 12.13 15.86 -22.29
N GLU B 319 12.43 16.57 -21.20
CA GLU B 319 13.64 16.32 -20.42
C GLU B 319 13.74 14.89 -19.96
N TRP B 320 12.62 14.36 -19.48
CA TRP B 320 12.62 13.04 -18.91
C TRP B 320 12.92 12.01 -19.98
N GLU B 321 12.31 12.17 -21.16
CA GLU B 321 12.48 11.15 -22.19
C GLU B 321 13.93 11.09 -22.62
N ALA B 322 14.59 12.25 -22.64
CA ALA B 322 16.03 12.31 -22.97
C ALA B 322 16.88 11.65 -21.84
N GLU B 323 16.45 11.86 -20.60
CA GLU B 323 17.22 11.41 -19.45
C GLU B 323 17.10 9.87 -19.36
N LEU B 324 15.92 9.38 -19.71
CA LEU B 324 15.65 7.95 -19.76
C LEU B 324 16.40 7.29 -20.94
N SER B 325 16.40 7.99 -22.08
CA SER B 325 17.14 7.46 -23.23
C SER B 325 18.60 7.26 -22.87
N ALA B 326 19.19 8.23 -22.18
CA ALA B 326 20.59 8.10 -21.75
C ALA B 326 20.81 6.94 -20.74
N MET B 327 19.82 6.69 -19.86
CA MET B 327 19.93 5.56 -18.93
C MET B 327 19.96 4.27 -19.74
N ALA B 328 19.11 4.19 -20.76
CA ALA B 328 18.97 2.96 -21.53
C ALA B 328 20.23 2.71 -22.33
N GLU B 329 20.76 3.81 -22.88
CA GLU B 329 21.99 3.77 -23.67
C GLU B 329 23.14 3.31 -22.80
N ARG B 330 23.21 3.79 -21.56
CA ARG B 330 24.31 3.43 -20.65
C ARG B 330 24.26 1.92 -20.34
N ILE B 331 23.07 1.37 -20.14
CA ILE B 331 22.97 -0.08 -20.00
C ILE B 331 23.52 -0.83 -21.25
N ARG B 332 23.12 -0.39 -22.45
CA ARG B 332 23.63 -1.01 -23.68
C ARG B 332 25.14 -0.87 -23.74
N THR B 333 25.64 0.29 -23.36
CA THR B 333 27.06 0.53 -23.29
C THR B 333 27.73 -0.51 -22.40
N MET B 334 27.16 -0.79 -21.23
CA MET B 334 27.77 -1.76 -20.33
C MET B 334 27.70 -3.15 -20.96
N ARG B 335 26.58 -3.46 -21.63
CA ARG B 335 26.50 -4.75 -22.30
C ARG B 335 27.60 -4.89 -23.34
N ARG B 336 27.86 -3.80 -24.05
CA ARG B 336 28.92 -3.75 -25.07
C ARG B 336 30.32 -3.93 -24.49
N THR B 337 30.56 -3.32 -23.34
CA THR B 337 31.87 -3.42 -22.69
C THR B 337 32.15 -4.85 -22.29
N VAL B 338 31.20 -5.48 -21.61
CA VAL B 338 31.36 -6.86 -21.19
C VAL B 338 31.60 -7.75 -22.41
N TYR B 339 30.77 -7.58 -23.43
CA TYR B 339 30.86 -8.40 -24.63
C TYR B 339 32.27 -8.30 -25.22
N ASP B 340 32.71 -7.07 -25.50
CA ASP B 340 34.02 -6.83 -26.10
C ASP B 340 35.11 -7.44 -25.26
N GLU B 341 35.05 -7.31 -23.95
CA GLU B 341 36.12 -7.87 -23.13
C GLU B 341 36.11 -9.40 -23.24
N LEU B 342 34.93 -10.03 -23.23
CA LEU B 342 34.86 -11.49 -23.36
C LEU B 342 35.40 -11.95 -24.72
N LEU B 343 35.16 -11.18 -25.78
CA LEU B 343 35.76 -11.44 -27.09
C LEU B 343 37.26 -11.23 -27.01
N ARG B 344 37.66 -10.10 -26.44
CA ARG B 344 39.07 -9.76 -26.32
C ARG B 344 39.85 -10.87 -25.60
N LEU B 345 39.28 -11.39 -24.53
CA LEU B 345 39.83 -12.49 -23.73
C LEU B 345 39.60 -13.85 -24.37
N GLN B 346 38.87 -13.88 -25.49
CA GLN B 346 38.59 -15.11 -26.22
C GLN B 346 38.01 -16.20 -25.31
N THR B 347 37.01 -15.83 -24.51
CA THR B 347 36.39 -16.78 -23.59
C THR B 347 35.60 -17.80 -24.40
N PRO B 348 35.76 -19.10 -24.09
CA PRO B 348 35.05 -20.12 -24.88
C PRO B 348 33.55 -19.94 -24.86
N GLY B 349 32.93 -20.19 -26.01
CA GLY B 349 31.49 -20.17 -26.12
C GLY B 349 30.97 -18.95 -26.83
N ARG B 350 29.65 -18.95 -26.99
CA ARG B 350 28.94 -17.84 -27.58
C ARG B 350 28.63 -16.84 -26.47
N TRP B 351 28.70 -15.56 -26.80
CA TRP B 351 28.43 -14.52 -25.82
C TRP B 351 27.59 -13.41 -26.40
N GLU B 352 26.97 -13.66 -27.55
CA GLU B 352 26.19 -12.63 -28.21
C GLU B 352 24.88 -12.33 -27.46
N HIS B 353 24.44 -13.27 -26.63
CA HIS B 353 23.24 -13.04 -25.84
C HIS B 353 23.46 -11.86 -24.90
N VAL B 354 24.71 -11.58 -24.55
CA VAL B 354 24.95 -10.40 -23.69
C VAL B 354 24.51 -9.08 -24.34
N ILE B 355 24.52 -9.00 -25.67
CA ILE B 355 24.19 -7.77 -26.38
C ILE B 355 22.83 -7.87 -27.07
N ASN B 356 22.31 -9.09 -27.19
CA ASN B 356 20.96 -9.27 -27.70
C ASN B 356 19.88 -9.12 -26.63
N GLN B 357 20.24 -9.37 -25.36
CA GLN B 357 19.28 -9.21 -24.27
C GLN B 357 19.06 -7.73 -24.05
N ILE B 358 17.92 -7.38 -23.47
CA ILE B 358 17.56 -5.98 -23.33
C ILE B 358 17.10 -5.70 -21.91
N GLY B 359 17.27 -4.46 -21.46
CA GLY B 359 16.87 -4.07 -20.13
C GLY B 359 17.96 -4.31 -19.08
N MET B 360 17.59 -4.22 -17.81
CA MET B 360 18.56 -4.29 -16.70
C MET B 360 19.22 -5.59 -16.48
N PHE B 361 18.45 -6.64 -16.75
CA PHE B 361 18.87 -7.99 -16.40
C PHE B 361 19.35 -8.82 -17.56
N SER B 362 20.35 -9.62 -17.23
CA SER B 362 20.96 -10.52 -18.17
C SER B 362 21.11 -11.89 -17.52
N PHE B 363 20.64 -12.91 -18.22
CA PHE B 363 21.03 -14.27 -17.91
C PHE B 363 22.40 -14.50 -18.60
N LEU B 364 23.46 -14.55 -17.81
CA LEU B 364 24.79 -14.65 -18.38
C LEU B 364 25.11 -16.01 -19.03
N GLY B 365 24.33 -17.04 -18.71
CA GLY B 365 24.49 -18.36 -19.28
C GLY B 365 25.55 -19.19 -18.57
N LEU B 366 25.74 -18.95 -17.27
CA LEU B 366 26.73 -19.66 -16.47
C LEU B 366 26.14 -20.80 -15.66
N SER B 367 26.88 -21.87 -15.46
CA SER B 367 26.43 -22.95 -14.60
C SER B 367 26.37 -22.50 -13.15
N LYS B 368 25.74 -23.32 -12.30
CA LYS B 368 25.64 -22.99 -10.89
C LYS B 368 27.03 -22.93 -10.25
N GLU B 369 27.93 -23.82 -10.66
CA GLU B 369 29.27 -23.88 -10.08
C GLU B 369 30.07 -22.68 -10.51
N GLN B 370 29.80 -22.19 -11.71
CA GLN B 370 30.49 -21.01 -12.23
C GLN B 370 29.96 -19.74 -11.56
N CYS B 371 28.65 -19.69 -11.29
CA CYS B 371 28.10 -18.54 -10.56
C CYS B 371 28.63 -18.48 -9.14
N GLU B 372 28.77 -19.65 -8.51
CA GLU B 372 29.37 -19.72 -7.19
C GLU B 372 30.78 -19.18 -7.22
N TYR B 373 31.52 -19.52 -8.28
CA TYR B 373 32.87 -18.99 -8.47
C TYR B 373 32.87 -17.47 -8.59
N CYS B 374 31.88 -16.94 -9.30
CA CYS B 374 31.81 -15.48 -9.45
C CYS B 374 31.61 -14.84 -8.07
N GLN B 375 30.67 -15.38 -7.31
CA GLN B 375 30.35 -14.85 -6.00
C GLN B 375 31.53 -14.91 -5.04
N ASN B 376 32.25 -16.02 -5.04
CA ASN B 376 33.40 -16.18 -4.17
C ASN B 376 34.57 -15.31 -4.57
N HIS B 377 34.46 -14.70 -5.76
CA HIS B 377 35.44 -13.73 -6.22
C HIS B 377 34.83 -12.31 -6.20
N ASN B 378 33.78 -12.13 -5.40
CA ASN B 378 33.18 -10.83 -5.13
C ASN B 378 32.40 -10.22 -6.30
N ILE B 379 32.05 -11.05 -7.27
CA ILE B 379 31.21 -10.67 -8.39
C ILE B 379 29.84 -11.25 -8.11
N PHE B 380 28.97 -10.46 -7.50
CA PHE B 380 27.73 -10.98 -6.95
C PHE B 380 26.58 -10.97 -7.96
N ILE B 381 26.45 -12.14 -8.62
CA ILE B 381 25.35 -12.49 -9.51
C ILE B 381 24.55 -13.61 -8.88
N THR B 382 23.31 -13.82 -9.27
CA THR B 382 22.58 -14.95 -8.67
C THR B 382 23.07 -16.31 -9.16
N LEU B 383 22.62 -17.36 -8.47
CA LEU B 383 23.05 -18.72 -8.80
C LEU B 383 22.49 -19.16 -10.15
N SER B 384 21.45 -18.48 -10.60
CA SER B 384 20.88 -18.79 -11.93
C SER B 384 21.56 -17.97 -13.02
N GLY B 385 22.48 -17.09 -12.63
CA GLY B 385 23.34 -16.39 -13.58
C GLY B 385 22.80 -15.03 -13.94
N ARG B 386 21.82 -14.55 -13.16
CA ARG B 386 21.28 -13.22 -13.37
C ARG B 386 22.20 -12.16 -12.78
N ALA B 387 22.49 -11.17 -13.61
CA ALA B 387 23.29 -9.99 -13.23
C ALA B 387 22.50 -8.74 -13.56
N ASN B 388 22.56 -7.73 -12.70
CA ASN B 388 22.06 -6.40 -13.02
C ASN B 388 23.13 -5.62 -13.76
N ILE B 389 23.00 -5.61 -15.07
CA ILE B 389 23.91 -4.88 -15.93
C ILE B 389 23.93 -3.43 -15.53
N ALA B 390 22.82 -2.93 -15.04
CA ALA B 390 22.71 -1.51 -14.76
C ALA B 390 23.41 -1.08 -13.48
N GLY B 391 23.93 -2.05 -12.74
CA GLY B 391 24.80 -1.72 -11.63
C GLY B 391 26.29 -1.71 -11.95
N LEU B 392 26.65 -1.96 -13.23
CA LEU B 392 28.06 -1.97 -13.63
C LEU B 392 28.60 -0.56 -13.87
N THR B 393 29.91 -0.37 -13.67
CA THR B 393 30.58 0.78 -14.25
C THR B 393 31.52 0.23 -15.31
N HIS B 394 32.13 1.11 -16.09
CA HIS B 394 33.12 0.66 -17.06
CA HIS B 394 33.12 0.66 -17.06
C HIS B 394 34.10 -0.25 -16.33
N GLU B 395 34.53 0.18 -15.16
CA GLU B 395 35.49 -0.59 -14.36
C GLU B 395 34.99 -2.00 -13.93
N THR B 396 33.81 -2.08 -13.35
CA THR B 396 33.33 -3.38 -12.92
C THR B 396 32.83 -4.22 -14.11
N ALA B 397 32.50 -3.57 -15.22
CA ALA B 397 32.16 -4.30 -16.44
C ALA B 397 33.34 -5.18 -16.88
N LEU B 398 34.53 -4.60 -16.83
CA LEU B 398 35.73 -5.33 -17.22
C LEU B 398 36.01 -6.43 -16.21
N MET B 399 35.85 -6.13 -14.93
CA MET B 399 36.00 -7.16 -13.88
C MET B 399 35.08 -8.36 -14.09
N LEU B 400 33.81 -8.09 -14.38
CA LEU B 400 32.86 -9.14 -14.64
C LEU B 400 33.34 -10.05 -15.75
N ALA B 401 33.66 -9.44 -16.89
CA ALA B 401 34.05 -10.20 -18.07
C ALA B 401 35.28 -11.05 -17.78
N GLN B 402 36.20 -10.51 -16.97
CA GLN B 402 37.39 -11.26 -16.62
C GLN B 402 37.10 -12.41 -15.66
N THR B 403 36.18 -12.22 -14.73
CA THR B 403 35.80 -13.27 -13.79
C THR B 403 34.99 -14.36 -14.50
N ILE B 404 34.07 -13.96 -15.37
CA ILE B 404 33.39 -14.94 -16.23
C ILE B 404 34.43 -15.80 -16.98
N ASN B 405 35.46 -15.13 -17.50
CA ASN B 405 36.45 -15.83 -18.29
C ASN B 405 37.26 -16.79 -17.42
N ASP B 406 37.33 -16.51 -16.12
CA ASP B 406 38.04 -17.41 -15.19
C ASP B 406 37.16 -18.57 -14.78
N ALA B 407 35.91 -18.24 -14.45
CA ALA B 407 34.91 -19.23 -14.08
C ALA B 407 34.79 -20.31 -15.15
N VAL B 408 34.71 -19.87 -16.40
CA VAL B 408 34.56 -20.77 -17.54
C VAL B 408 35.77 -21.65 -17.73
N ARG B 409 36.95 -21.11 -17.41
CA ARG B 409 38.21 -21.82 -17.62
C ARG B 409 38.62 -22.70 -16.43
N ASN B 410 38.06 -22.44 -15.26
CA ASN B 410 38.31 -23.28 -14.09
C ASN B 410 37.34 -23.00 -12.95
AS CAC C . -6.28 5.75 7.78
O1 CAC C . -5.76 7.28 7.07
O2 CAC C . -5.68 4.39 6.91
C1 CAC C . -5.89 5.69 9.70
C2 CAC C . -8.23 5.65 7.65
H11 CAC C . -4.84 5.65 9.84
H12 CAC C . -6.29 6.54 10.16
H13 CAC C . -6.33 4.81 10.12
H21 CAC C . -8.51 5.69 6.63
H22 CAC C . -8.57 4.74 8.08
H23 CAC C . -8.65 6.47 8.17
AS CAC D . 7.75 -2.42 -8.23
O1 CAC D . 6.32 -2.78 -7.28
O2 CAC D . 8.60 -1.01 -7.64
C1 CAC D . 8.98 -3.91 -7.97
C2 CAC D . 7.21 -2.53 -10.11
H11 CAC D . 9.22 -4.01 -6.93
H12 CAC D . 9.88 -3.74 -8.51
H13 CAC D . 8.54 -4.81 -8.30
H21 CAC D . 6.56 -1.72 -10.35
H22 CAC D . 8.06 -2.46 -10.73
H23 CAC D . 6.71 -3.44 -10.29
#